data_1Y84
# 
_entry.id   1Y84 
# 
_audit_conform.dict_name       mmcif_pdbx.dic 
_audit_conform.dict_version    5.376 
_audit_conform.dict_location   http://mmcif.pdb.org/dictionaries/ascii/mmcif_pdbx.dic 
# 
loop_
_database_2.database_id 
_database_2.database_code 
_database_2.pdbx_database_accession 
_database_2.pdbx_DOI 
PDB   1Y84         pdb_00001y84 10.2210/pdb1y84/pdb 
NDB   AD0037       ?            ?                   
RCSB  RCSB031235   ?            ?                   
WWPDB D_1000031235 ?            ?                   
# 
loop_
_pdbx_database_related.db_name 
_pdbx_database_related.db_id 
_pdbx_database_related.details 
_pdbx_database_related.content_type 
PDB 1Y7F 
;Crystal structure of the A-DNA GCGTAT*CGC with a 2'-O-[2-[hydroxy(methyleneamino)oxy]ethyl] Thymidine (T*)
;
unspecified 
PDB 1Y86 
;Crystal structure of the A-DNA GCGTAT*CGC with a 2'-O-[2-(fluoro)ethyl] Thymidine (T*)
;
unspecified 
# 
_pdbx_database_status.status_code                     REL 
_pdbx_database_status.entry_id                        1Y84 
_pdbx_database_status.recvd_initial_deposition_date   2004-12-10 
_pdbx_database_status.deposit_site                    RCSB 
_pdbx_database_status.process_site                    RCSB 
_pdbx_database_status.status_code_sf                  REL 
_pdbx_database_status.SG_entry                        . 
_pdbx_database_status.pdb_format_compatible           Y 
_pdbx_database_status.status_code_mr                  ? 
_pdbx_database_status.status_code_cs                  ? 
_pdbx_database_status.status_code_nmr_data            ? 
_pdbx_database_status.methods_development_category    ? 
# 
loop_
_audit_author.name 
_audit_author.pdbx_ordinal 
'Egli, M.'      1  
'Minasov, G.'   2  
'Tereshko, V.'  3  
'Pallan, P.S.'  4  
'Teplova, M.'   5  
'Inamati, G.B.' 6  
'Lesnik, E.A.'  7  
'Owens, S.R.'   8  
'Ross, B.S.'    9  
'Prakash, T.P.' 10 
'Manoharan, M.' 11 
# 
_citation.id                        primary 
_citation.title                     
;Probing the Influence of Stereoelectronic Effects on the Biophysical Properties of Oligonucleotides: Comprehensive Analysis of the RNA Affinity, Nuclease Resistance, and Crystal Structure of Ten 2'-O-Ribonucleic Acid Modifications.
;
_citation.journal_abbrev            Biochemistry 
_citation.journal_volume            44 
_citation.page_first                9045 
_citation.page_last                 9057 
_citation.year                      2005 
_citation.journal_id_ASTM           BICHAW 
_citation.country                   US 
_citation.journal_id_ISSN           0006-2960 
_citation.journal_id_CSD            0033 
_citation.book_publisher            ? 
_citation.pdbx_database_id_PubMed   15966728 
_citation.pdbx_database_id_DOI      10.1021/bi050574m 
# 
loop_
_citation_author.citation_id 
_citation_author.name 
_citation_author.ordinal 
_citation_author.identifier_ORCID 
primary 'Egli, M.'      1  ? 
primary 'Minasov, G.'   2  ? 
primary 'Tereshko, V.'  3  ? 
primary 'Pallan, P.S.'  4  ? 
primary 'Teplova, M.'   5  ? 
primary 'Inamati, G.B.' 6  ? 
primary 'Lesnik, E.A.'  7  ? 
primary 'Owens, S.R.'   8  ? 
primary 'Ross, B.S.'    9  ? 
primary 'Prakash, T.P.' 10 ? 
primary 'Manoharan, M.' 11 ? 
# 
_cell.entry_id           1Y84 
_cell.length_a           24.097 
_cell.length_b           43.071 
_cell.length_c           46.260 
_cell.angle_alpha        90.00 
_cell.angle_beta         90.00 
_cell.angle_gamma        90.00 
_cell.Z_PDB              8 
_cell.pdbx_unique_axis   ? 
# 
_symmetry.entry_id                         1Y84 
_symmetry.space_group_name_H-M             'P 21 21 21' 
_symmetry.pdbx_full_space_group_name_H-M   ? 
_symmetry.cell_setting                     ? 
_symmetry.Int_Tables_number                19 
_symmetry.space_group_name_Hall            ? 
# 
loop_
_entity.id 
_entity.type 
_entity.src_method 
_entity.pdbx_description 
_entity.formula_weight 
_entity.pdbx_number_of_molecules 
_entity.pdbx_ec 
_entity.pdbx_mutation 
_entity.pdbx_fragment 
_entity.details 
1 polymer     syn "5'-D(*GP*CP*GP*TP*AP*(EIT)P*AP*CP*GP*C)-3'" 3155.119 2   ? ? ? ? 
2 non-polymer syn 'MAGNESIUM ION'                              24.305   1   ? ? ? ? 
3 non-polymer syn SPERMINE                                     202.340  1   ? ? ? ? 
4 water       nat water                                        18.015   114 ? ? ? ? 
# 
_entity_poly.entity_id                      1 
_entity_poly.type                           polydeoxyribonucleotide 
_entity_poly.nstd_linkage                   no 
_entity_poly.nstd_monomer                   yes 
_entity_poly.pdbx_seq_one_letter_code       '(DG)(DC)(DG)(DT)(DA)(EIT)(DA)(DC)(DG)(DC)' 
_entity_poly.pdbx_seq_one_letter_code_can   GCGTATACGC 
_entity_poly.pdbx_strand_id                 A,B 
_entity_poly.pdbx_target_identifier         ? 
# 
loop_
_entity_poly_seq.entity_id 
_entity_poly_seq.num 
_entity_poly_seq.mon_id 
_entity_poly_seq.hetero 
1 1  DG  n 
1 2  DC  n 
1 3  DG  n 
1 4  DT  n 
1 5  DA  n 
1 6  EIT n 
1 7  DA  n 
1 8  DC  n 
1 9  DG  n 
1 10 DC  n 
# 
_struct_ref.id                         1 
_struct_ref.entity_id                  1 
_struct_ref.db_name                    PDB 
_struct_ref.db_code                    1Y84 
_struct_ref.pdbx_db_accession          1Y84 
_struct_ref.pdbx_db_isoform            ? 
_struct_ref.pdbx_seq_one_letter_code   ? 
_struct_ref.pdbx_align_begin           ? 
# 
loop_
_struct_ref_seq.align_id 
_struct_ref_seq.ref_id 
_struct_ref_seq.pdbx_PDB_id_code 
_struct_ref_seq.pdbx_strand_id 
_struct_ref_seq.seq_align_beg 
_struct_ref_seq.pdbx_seq_align_beg_ins_code 
_struct_ref_seq.seq_align_end 
_struct_ref_seq.pdbx_seq_align_end_ins_code 
_struct_ref_seq.pdbx_db_accession 
_struct_ref_seq.db_align_beg 
_struct_ref_seq.pdbx_db_align_beg_ins_code 
_struct_ref_seq.db_align_end 
_struct_ref_seq.pdbx_db_align_end_ins_code 
_struct_ref_seq.pdbx_auth_seq_align_beg 
_struct_ref_seq.pdbx_auth_seq_align_end 
1 1 1Y84 A 1 ? 10 ? 1Y84 1  ? 10 ? 1  10 
2 1 1Y84 B 1 ? 10 ? 1Y84 11 ? 20 ? 11 20 
# 
loop_
_chem_comp.id 
_chem_comp.type 
_chem_comp.mon_nstd_flag 
_chem_comp.name 
_chem_comp.pdbx_synonyms 
_chem_comp.formula 
_chem_comp.formula_weight 
DA  'DNA linking' y "2'-DEOXYADENOSINE-5'-MONOPHOSPHATE" ?                                                        
'C10 H14 N5 O6 P' 331.222 
DC  'DNA linking' y "2'-DEOXYCYTIDINE-5'-MONOPHOSPHATE" ?                                                        'C9 H14 N3 O7 P'  
307.197 
DG  'DNA linking' y "2'-DEOXYGUANOSINE-5'-MONOPHOSPHATE" ?                                                        
'C10 H14 N5 O7 P' 347.221 
DT  'DNA linking' y "THYMIDINE-5'-MONOPHOSPHATE" ?                                                        'C10 H15 N2 O8 P' 
322.208 
EIT 'RNA linking' n 
;((3R,4R,5R)-4-(2-(1H-IMIDAZOL-1-YL)ETHOXY)-3-HYDROXY-5-(5-METHYL-2,4-DIOXO-3,4-DIHYDROPYRIMIDIN-1(2H)-YL)-TETRAHYDROFURAN-2-YL)METHYL DIHYDROGEN PHOSPHATE
;
;2'-O-[1-ETHYL-1H-IMIDAZOL)] THYMIDINE-5'-MONOPHOSPHATE
;
'C15 H21 N4 O9 P' 432.322 
HOH non-polymer   . WATER ?                                                        'H2 O'            18.015  
MG  non-polymer   . 'MAGNESIUM ION' ?                                                        'Mg 2'            24.305  
SPM non-polymer   . SPERMINE ?                                                        'C10 H26 N4'      202.340 
# 
_exptl.entry_id          1Y84 
_exptl.method            'X-RAY DIFFRACTION' 
_exptl.crystals_number   1 
# 
_exptl_crystal.id                    1 
_exptl_crystal.density_meas          ? 
_exptl_crystal.density_Matthews      1.90 
_exptl_crystal.density_percent_sol   35.34 
_exptl_crystal.description           ? 
_exptl_crystal.F_000                 ? 
_exptl_crystal.preparation           ? 
# 
_exptl_crystal_grow.crystal_id      1 
_exptl_crystal_grow.method          'VAPOR DIFFUSION, HANGING DROP' 
_exptl_crystal_grow.temp            295 
_exptl_crystal_grow.temp_details    ? 
_exptl_crystal_grow.pH              6.0 
_exptl_crystal_grow.pdbx_details    
;10%MPD, 40mM Na-Cacodilate, 12 mM Spermine, 80mM NaCL, 12mM KCL, 20mM MgCL2, pH 6.0, VAPOR DIFFUSION, HANGING DROP, temperature 295K
;
_exptl_crystal_grow.pdbx_pH_range   . 
# 
loop_
_exptl_crystal_grow_comp.crystal_id 
_exptl_crystal_grow_comp.id 
_exptl_crystal_grow_comp.sol_id 
_exptl_crystal_grow_comp.name 
_exptl_crystal_grow_comp.volume 
_exptl_crystal_grow_comp.conc 
_exptl_crystal_grow_comp.details 
1 1  1 MPD             ? ? ? 
1 2  1 'Na Cacodilate' ? ? ? 
1 3  1 Spermine        ? ? ? 
1 4  1 NaCL            ? ? ? 
1 5  1 KCL             ? ? ? 
1 6  1 MgCL2           ? ? ? 
1 7  1 H2O             ? ? ? 
1 8  2 MPD             ? ? ? 
1 9  2 'Na Cacodilate' ? ? ? 
1 10 2 NaCL            ? ? ? 
1 11 2 KCL             ? ? ? 
1 12 2 MgCL2           ? ? ? 
# 
_diffrn.id                     1 
_diffrn.ambient_temp           110 
_diffrn.ambient_temp_details   ? 
_diffrn.crystal_id             1 
# 
_diffrn_detector.diffrn_id              1 
_diffrn_detector.detector               'IMAGE PLATE' 
_diffrn_detector.type                   'RIGAKU RAXIS IIC' 
_diffrn_detector.pdbx_collection_date   1999-07-06 
_diffrn_detector.details                Mirrors 
# 
_diffrn_radiation.diffrn_id                        1 
_diffrn_radiation.wavelength_id                    1 
_diffrn_radiation.pdbx_monochromatic_or_laue_m_l   M 
_diffrn_radiation.monochromator                    ? 
_diffrn_radiation.pdbx_diffrn_protocol             'SINGLE WAVELENGTH' 
_diffrn_radiation.pdbx_scattering_type             x-ray 
# 
_diffrn_radiation_wavelength.id           1 
_diffrn_radiation_wavelength.wavelength   1.5418 
_diffrn_radiation_wavelength.wt           1.0 
# 
_diffrn_source.diffrn_id                   1 
_diffrn_source.source                      'ROTATING ANODE' 
_diffrn_source.type                        'RIGAKU RU200' 
_diffrn_source.pdbx_synchrotron_site       ? 
_diffrn_source.pdbx_synchrotron_beamline   ? 
_diffrn_source.pdbx_wavelength             1.5418 
_diffrn_source.pdbx_wavelength_list        ? 
# 
_reflns.entry_id                     1Y84 
_reflns.observed_criterion_sigma_F   ? 
_reflns.observed_criterion_sigma_I   -3.0 
_reflns.d_resolution_high            1.60 
_reflns.d_resolution_low             25.0 
_reflns.number_all                   6710 
_reflns.number_obs                   6710 
_reflns.percent_possible_obs         99.2 
_reflns.pdbx_Rmerge_I_obs            0.096 
_reflns.pdbx_Rsym_value              ? 
_reflns.pdbx_netI_over_sigmaI        12.8 
_reflns.B_iso_Wilson_estimate        ? 
_reflns.pdbx_redundancy              4.2 
_reflns.R_free_details               ? 
_reflns.pdbx_chi_squared             ? 
_reflns.pdbx_scaling_rejects         ? 
_reflns.pdbx_diffrn_id               1 
_reflns.pdbx_ordinal                 1 
# 
_reflns_shell.d_res_high             1.60 
_reflns_shell.d_res_low              1.66 
_reflns_shell.percent_possible_all   95.5 
_reflns_shell.Rmerge_I_obs           0.376 
_reflns_shell.pdbx_Rsym_value        ? 
_reflns_shell.meanI_over_sigI_obs    2.9 
_reflns_shell.pdbx_redundancy        2.3 
_reflns_shell.percent_possible_obs   ? 
_reflns_shell.number_unique_all      619 
_reflns_shell.number_measured_all    ? 
_reflns_shell.number_measured_obs    ? 
_reflns_shell.number_unique_obs      ? 
_reflns_shell.pdbx_chi_squared       ? 
_reflns_shell.pdbx_diffrn_id         ? 
_reflns_shell.pdbx_ordinal           1 
# 
_refine.entry_id                                 1Y84 
_refine.ls_d_res_high                            1.60 
_refine.ls_d_res_low                             20.0 
_refine.pdbx_ls_sigma_F                          0.0 
_refine.pdbx_ls_sigma_I                          0.0 
_refine.ls_number_reflns_all                     6507 
_refine.ls_number_reflns_obs                     6507 
_refine.ls_number_reflns_R_free                  676 
_refine.ls_percent_reflns_obs                    96.5 
_refine.ls_R_factor_all                          ? 
_refine.ls_R_factor_obs                          ? 
_refine.ls_R_factor_R_work                       0.1648 
_refine.ls_R_factor_R_free                       0.1885 
_refine.ls_redundancy_reflns_obs                 ? 
_refine.pdbx_data_cutoff_high_absF               ? 
_refine.pdbx_data_cutoff_low_absF                ? 
_refine.ls_number_parameters                     ? 
_refine.ls_number_restraints                     ? 
_refine.ls_percent_reflns_R_free                 ? 
_refine.ls_R_factor_R_free_error                 ? 
_refine.ls_R_factor_R_free_error_details         ? 
_refine.pdbx_method_to_determine_struct          'MOLECULAR REPLACEMENT' 
_refine.pdbx_starting_model                      'PDB entry 410D' 
_refine.pdbx_ls_cross_valid_method               THROUGHOUT 
_refine.pdbx_R_Free_selection_details            Random 
_refine.pdbx_stereochem_target_val_spec_case     ? 
_refine.pdbx_stereochemistry_target_values       ? 
_refine.solvent_model_details                    ? 
_refine.solvent_model_param_bsol                 ? 
_refine.solvent_model_param_ksol                 ? 
_refine.occupancy_max                            ? 
_refine.occupancy_min                            ? 
_refine.pdbx_isotropic_thermal_model             Isotropic 
_refine.B_iso_mean                               21.3 
_refine.aniso_B[1][1]                            -5.987 
_refine.aniso_B[1][2]                            0.000 
_refine.aniso_B[1][3]                            0.000 
_refine.aniso_B[2][2]                            4.329 
_refine.aniso_B[2][3]                            0.000 
_refine.aniso_B[3][3]                            1.658 
_refine.details                                  'Conjugate gradient refinement using maximum likelihood target for amplitudes' 
_refine.correlation_coeff_Fo_to_Fc               ? 
_refine.correlation_coeff_Fo_to_Fc_free          ? 
_refine.pdbx_solvent_vdw_probe_radii             ? 
_refine.pdbx_solvent_ion_probe_radii             ? 
_refine.pdbx_solvent_shrinkage_radii             ? 
_refine.overall_SU_R_Cruickshank_DPI             ? 
_refine.overall_SU_R_free                        ? 
_refine.overall_SU_B                             ? 
_refine.overall_SU_ML                            ? 
_refine.pdbx_overall_ESU_R                       ? 
_refine.pdbx_overall_ESU_R_Free                  ? 
_refine.pdbx_data_cutoff_high_rms_absF           ? 
_refine.ls_wR_factor_R_free                      ? 
_refine.ls_wR_factor_R_work                      ? 
_refine.overall_FOM_free_R_set                   ? 
_refine.overall_FOM_work_R_set                   ? 
_refine.pdbx_refine_id                           'X-RAY DIFFRACTION' 
_refine.pdbx_diffrn_id                           1 
_refine.pdbx_TLS_residual_ADP_flag               ? 
_refine.pdbx_overall_phase_error                 ? 
_refine.pdbx_overall_SU_R_free_Cruickshank_DPI   ? 
_refine.pdbx_overall_SU_R_Blow_DPI               ? 
_refine.pdbx_overall_SU_R_free_Blow_DPI          ? 
# 
_refine_hist.pdbx_refine_id                   'X-RAY DIFFRACTION' 
_refine_hist.cycle_id                         LAST 
_refine_hist.pdbx_number_atoms_protein        0 
_refine_hist.pdbx_number_atoms_nucleic_acid   426 
_refine_hist.pdbx_number_atoms_ligand         15 
_refine_hist.number_atoms_solvent             120 
_refine_hist.number_atoms_total               561 
_refine_hist.d_res_high                       1.60 
_refine_hist.d_res_low                        20.0 
# 
loop_
_refine_ls_restr.type 
_refine_ls_restr.dev_ideal 
_refine_ls_restr.dev_ideal_target 
_refine_ls_restr.weight 
_refine_ls_restr.number 
_refine_ls_restr.pdbx_refine_id 
_refine_ls_restr.pdbx_restraint_function 
c_angle_d   0.0082 ? ? ? 'X-RAY DIFFRACTION' ? 
c_angle_deg 1.37   ? ? ? 'X-RAY DIFFRACTION' ? 
# 
_refine_ls_shell.pdbx_total_number_of_bins_used   ? 
_refine_ls_shell.d_res_high                       1.60 
_refine_ls_shell.d_res_low                        1.64 
_refine_ls_shell.number_reflns_R_work             ? 
_refine_ls_shell.R_factor_R_work                  0.2571 
_refine_ls_shell.percent_reflns_obs               94.3 
_refine_ls_shell.R_factor_R_free                  0.2854 
_refine_ls_shell.R_factor_R_free_error            ? 
_refine_ls_shell.percent_reflns_R_free            ? 
_refine_ls_shell.number_reflns_R_free             43 
_refine_ls_shell.redundancy_reflns_obs            ? 
_refine_ls_shell.pdbx_refine_id                   'X-RAY DIFFRACTION' 
_refine_ls_shell.number_reflns_all                ? 
_refine_ls_shell.R_factor_all                     ? 
# 
_struct.entry_id                  1Y84 
_struct.title                     
;Crystal structure of the A-DNA GCGTAT*CGC with a 2'-O-[2-(imidazolyl)ethyl] Thymidine (T*)
;
_struct.pdbx_model_details        ? 
_struct.pdbx_CASP_flag            ? 
_struct.pdbx_model_type_details   ? 
# 
_struct_keywords.entry_id        1Y84 
_struct_keywords.pdbx_keywords   DNA 
_struct_keywords.text            
;A-DNA, O2'-modification, decamer., DNA
;
# 
loop_
_struct_asym.id 
_struct_asym.pdbx_blank_PDB_chainid_flag 
_struct_asym.pdbx_modified 
_struct_asym.entity_id 
_struct_asym.details 
A N N 1 ? 
B N N 1 ? 
C N N 2 ? 
D N N 3 ? 
E N N 4 ? 
F N N 4 ? 
# 
_struct_biol.id                    1 
_struct_biol.details               'Chains A and B form duplex' 
_struct_biol.pdbx_parent_biol_id   ? 
# 
loop_
_struct_conn.id 
_struct_conn.conn_type_id 
_struct_conn.pdbx_leaving_atom_flag 
_struct_conn.pdbx_PDB_id 
_struct_conn.ptnr1_label_asym_id 
_struct_conn.ptnr1_label_comp_id 
_struct_conn.ptnr1_label_seq_id 
_struct_conn.ptnr1_label_atom_id 
_struct_conn.pdbx_ptnr1_label_alt_id 
_struct_conn.pdbx_ptnr1_PDB_ins_code 
_struct_conn.pdbx_ptnr1_standard_comp_id 
_struct_conn.ptnr1_symmetry 
_struct_conn.ptnr2_label_asym_id 
_struct_conn.ptnr2_label_comp_id 
_struct_conn.ptnr2_label_seq_id 
_struct_conn.ptnr2_label_atom_id 
_struct_conn.pdbx_ptnr2_label_alt_id 
_struct_conn.pdbx_ptnr2_PDB_ins_code 
_struct_conn.ptnr1_auth_asym_id 
_struct_conn.ptnr1_auth_comp_id 
_struct_conn.ptnr1_auth_seq_id 
_struct_conn.ptnr2_auth_asym_id 
_struct_conn.ptnr2_auth_comp_id 
_struct_conn.ptnr2_auth_seq_id 
_struct_conn.ptnr2_symmetry 
_struct_conn.pdbx_ptnr3_label_atom_id 
_struct_conn.pdbx_ptnr3_label_seq_id 
_struct_conn.pdbx_ptnr3_label_comp_id 
_struct_conn.pdbx_ptnr3_label_asym_id 
_struct_conn.pdbx_ptnr3_label_alt_id 
_struct_conn.pdbx_ptnr3_PDB_ins_code 
_struct_conn.details 
_struct_conn.pdbx_dist_value 
_struct_conn.pdbx_value_order 
_struct_conn.pdbx_role 
covale1  covale both ? A DA  5  "O3'" ? ? ? 1_555 A EIT 6  P  ? ? A DA  5   A EIT 6   1_555 ? ? ? ? ? ? ?            1.605 ? ? 
covale2  covale both ? A EIT 6  "O3'" ? ? ? 1_555 A DA  7  P  ? ? A EIT 6   A DA  7   1_555 ? ? ? ? ? ? ?            1.599 ? ? 
covale3  covale both ? B DA  5  "O3'" ? ? ? 1_555 B EIT 6  P  ? ? B DA  15  B EIT 16  1_555 ? ? ? ? ? ? ?            1.606 ? ? 
covale4  covale both ? B EIT 6  "O3'" ? ? ? 1_555 B DA  7  P  ? ? B EIT 16  B DA  17  1_555 ? ? ? ? ? ? ?            1.606 ? ? 
metalc1  metalc ?    ? C MG  .  MG    ? ? ? 1_555 E HOH .  O  ? ? A MG  101 A HOH 102 1_555 ? ? ? ? ? ? ?            2.130 ? ? 
metalc2  metalc ?    ? C MG  .  MG    ? ? ? 1_555 E HOH .  O  ? ? A MG  101 A HOH 103 1_555 ? ? ? ? ? ? ?            2.048 ? ? 
metalc3  metalc ?    ? C MG  .  MG    ? ? ? 1_555 E HOH .  O  ? ? A MG  101 A HOH 104 1_555 ? ? ? ? ? ? ?            2.017 ? ? 
metalc4  metalc ?    ? C MG  .  MG    ? ? ? 1_555 E HOH .  O  ? ? A MG  101 A HOH 106 1_555 ? ? ? ? ? ? ?            2.052 ? ? 
metalc5  metalc ?    ? C MG  .  MG    ? ? ? 1_555 F HOH .  O  ? ? A MG  101 B HOH 105 1_555 ? ? ? ? ? ? ?            2.269 ? ? 
metalc6  metalc ?    ? C MG  .  MG    ? ? ? 1_555 F HOH .  O  ? ? A MG  101 B HOH 107 1_555 ? ? ? ? ? ? ?            1.956 ? ? 
hydrog1  hydrog ?    ? A DG  1  N1    ? ? ? 1_555 B DC  10 N3 ? ? A DG  1   B DC  20  1_555 ? ? ? ? ? ? WATSON-CRICK ?     ? ? 
hydrog2  hydrog ?    ? A DG  1  N2    ? ? ? 1_555 B DC  10 O2 ? ? A DG  1   B DC  20  1_555 ? ? ? ? ? ? WATSON-CRICK ?     ? ? 
hydrog3  hydrog ?    ? A DG  1  O6    ? ? ? 1_555 B DC  10 N4 ? ? A DG  1   B DC  20  1_555 ? ? ? ? ? ? WATSON-CRICK ?     ? ? 
hydrog4  hydrog ?    ? A DC  2  N3    ? ? ? 1_555 B DG  9  N1 ? ? A DC  2   B DG  19  1_555 ? ? ? ? ? ? WATSON-CRICK ?     ? ? 
hydrog5  hydrog ?    ? A DC  2  N4    ? ? ? 1_555 B DG  9  O6 ? ? A DC  2   B DG  19  1_555 ? ? ? ? ? ? WATSON-CRICK ?     ? ? 
hydrog6  hydrog ?    ? A DC  2  O2    ? ? ? 1_555 B DG  9  N2 ? ? A DC  2   B DG  19  1_555 ? ? ? ? ? ? WATSON-CRICK ?     ? ? 
hydrog7  hydrog ?    ? A DG  3  N1    ? ? ? 1_555 B DC  8  N3 ? ? A DG  3   B DC  18  1_555 ? ? ? ? ? ? WATSON-CRICK ?     ? ? 
hydrog8  hydrog ?    ? A DG  3  N2    ? ? ? 1_555 B DC  8  O2 ? ? A DG  3   B DC  18  1_555 ? ? ? ? ? ? WATSON-CRICK ?     ? ? 
hydrog9  hydrog ?    ? A DG  3  O6    ? ? ? 1_555 B DC  8  N4 ? ? A DG  3   B DC  18  1_555 ? ? ? ? ? ? WATSON-CRICK ?     ? ? 
hydrog10 hydrog ?    ? A DT  4  N3    ? ? ? 1_555 B DA  7  N1 ? ? A DT  4   B DA  17  1_555 ? ? ? ? ? ? WATSON-CRICK ?     ? ? 
hydrog11 hydrog ?    ? A DT  4  O4    ? ? ? 1_555 B DA  7  N6 ? ? A DT  4   B DA  17  1_555 ? ? ? ? ? ? WATSON-CRICK ?     ? ? 
hydrog12 hydrog ?    ? A DA  5  N1    ? ? ? 1_555 B EIT 6  N3 ? ? A DA  5   B EIT 16  1_555 ? ? ? ? ? ? WATSON-CRICK ?     ? ? 
hydrog13 hydrog ?    ? A DA  5  N6    ? ? ? 1_555 B EIT 6  O4 ? ? A DA  5   B EIT 16  1_555 ? ? ? ? ? ? WATSON-CRICK ?     ? ? 
hydrog14 hydrog ?    ? A EIT 6  N3    ? ? ? 1_555 B DA  5  N1 ? ? A EIT 6   B DA  15  1_555 ? ? ? ? ? ? WATSON-CRICK ?     ? ? 
hydrog15 hydrog ?    ? A EIT 6  O4    ? ? ? 1_555 B DA  5  N6 ? ? A EIT 6   B DA  15  1_555 ? ? ? ? ? ? WATSON-CRICK ?     ? ? 
hydrog16 hydrog ?    ? A DA  7  N1    ? ? ? 1_555 B DT  4  N3 ? ? A DA  7   B DT  14  1_555 ? ? ? ? ? ? WATSON-CRICK ?     ? ? 
hydrog17 hydrog ?    ? A DA  7  N6    ? ? ? 1_555 B DT  4  O4 ? ? A DA  7   B DT  14  1_555 ? ? ? ? ? ? WATSON-CRICK ?     ? ? 
hydrog18 hydrog ?    ? A DC  8  N3    ? ? ? 1_555 B DG  3  N1 ? ? A DC  8   B DG  13  1_555 ? ? ? ? ? ? WATSON-CRICK ?     ? ? 
hydrog19 hydrog ?    ? A DC  8  N4    ? ? ? 1_555 B DG  3  O6 ? ? A DC  8   B DG  13  1_555 ? ? ? ? ? ? WATSON-CRICK ?     ? ? 
hydrog20 hydrog ?    ? A DC  8  O2    ? ? ? 1_555 B DG  3  N2 ? ? A DC  8   B DG  13  1_555 ? ? ? ? ? ? WATSON-CRICK ?     ? ? 
hydrog21 hydrog ?    ? A DG  9  N1    ? ? ? 1_555 B DC  2  N3 ? ? A DG  9   B DC  12  1_555 ? ? ? ? ? ? WATSON-CRICK ?     ? ? 
hydrog22 hydrog ?    ? A DG  9  N2    ? ? ? 1_555 B DC  2  O2 ? ? A DG  9   B DC  12  1_555 ? ? ? ? ? ? WATSON-CRICK ?     ? ? 
hydrog23 hydrog ?    ? A DG  9  O6    ? ? ? 1_555 B DC  2  N4 ? ? A DG  9   B DC  12  1_555 ? ? ? ? ? ? WATSON-CRICK ?     ? ? 
hydrog24 hydrog ?    ? A DC  10 N3    ? ? ? 1_555 B DG  1  N1 ? ? A DC  10  B DG  11  1_555 ? ? ? ? ? ? WATSON-CRICK ?     ? ? 
hydrog25 hydrog ?    ? A DC  10 N4    ? ? ? 1_555 B DG  1  O6 ? ? A DC  10  B DG  11  1_555 ? ? ? ? ? ? WATSON-CRICK ?     ? ? 
hydrog26 hydrog ?    ? A DC  10 O2    ? ? ? 1_555 B DG  1  N2 ? ? A DC  10  B DG  11  1_555 ? ? ? ? ? ? WATSON-CRICK ?     ? ? 
# 
loop_
_struct_conn_type.id 
_struct_conn_type.criteria 
_struct_conn_type.reference 
covale ? ? 
metalc ? ? 
hydrog ? ? 
# 
loop_
_struct_site.id 
_struct_site.pdbx_evidence_code 
_struct_site.pdbx_auth_asym_id 
_struct_site.pdbx_auth_comp_id 
_struct_site.pdbx_auth_seq_id 
_struct_site.pdbx_auth_ins_code 
_struct_site.pdbx_num_residues 
_struct_site.details 
AC1 Software B SPM 100 ? 10 'BINDING SITE FOR RESIDUE SPM B 100' 
AC2 Software A MG  101 ? 6  'BINDING SITE FOR RESIDUE MG A 101'  
# 
loop_
_struct_site_gen.id 
_struct_site_gen.site_id 
_struct_site_gen.pdbx_num_res 
_struct_site_gen.label_comp_id 
_struct_site_gen.label_asym_id 
_struct_site_gen.label_seq_id 
_struct_site_gen.pdbx_auth_ins_code 
_struct_site_gen.auth_comp_id 
_struct_site_gen.auth_asym_id 
_struct_site_gen.auth_seq_id 
_struct_site_gen.label_atom_id 
_struct_site_gen.label_alt_id 
_struct_site_gen.symmetry 
_struct_site_gen.details 
1  AC1 10 DA  A 5  ? DA  A 5   . ? 2_555 ? 
2  AC1 10 EIT A 6  ? EIT A 6   . ? 2_555 ? 
3  AC1 10 HOH E .  ? HOH A 122 . ? 4_456 ? 
4  AC1 10 DG  B 3  ? DG  B 13  . ? 1_555 ? 
5  AC1 10 DT  B 4  ? DT  B 14  . ? 1_555 ? 
6  AC1 10 DC  B 8  ? DC  B 18  . ? 2_455 ? 
7  AC1 10 DG  B 9  ? DG  B 19  . ? 2_455 ? 
8  AC1 10 DC  B 10 ? DC  B 20  . ? 2_455 ? 
9  AC1 10 HOH F .  ? HOH B 157 . ? 1_555 ? 
10 AC1 10 HOH F .  ? HOH B 163 . ? 2_455 ? 
11 AC2 6  HOH E .  ? HOH A 102 . ? 1_555 ? 
12 AC2 6  HOH E .  ? HOH A 103 . ? 1_555 ? 
13 AC2 6  HOH E .  ? HOH A 104 . ? 1_555 ? 
14 AC2 6  HOH E .  ? HOH A 106 . ? 1_555 ? 
15 AC2 6  HOH F .  ? HOH B 105 . ? 1_555 ? 
16 AC2 6  HOH F .  ? HOH B 107 . ? 1_555 ? 
# 
_atom_sites.entry_id                    1Y84 
_atom_sites.fract_transf_matrix[1][1]   -0.00513038 
_atom_sites.fract_transf_matrix[1][2]   0.04010534 
_atom_sites.fract_transf_matrix[1][3]   -0.00934922 
_atom_sites.fract_transf_matrix[2][1]   0.01125843 
_atom_sites.fract_transf_matrix[2][2]   -0.00323275 
_atom_sites.fract_transf_matrix[2][3]   -0.02004560 
_atom_sites.fract_transf_matrix[3][1]   -0.01871547 
_atom_sites.fract_transf_matrix[3][2]   -0.00466898 
_atom_sites.fract_transf_matrix[3][3]   -0.00975841 
_atom_sites.fract_transf_vector[1]      0.129213 
_atom_sites.fract_transf_vector[2]      0.040076 
_atom_sites.fract_transf_vector[3]      0.250575 
# 
loop_
_atom_type.symbol 
C  
MG 
N  
O  
P  
# 
loop_
_atom_site.group_PDB 
_atom_site.id 
_atom_site.type_symbol 
_atom_site.label_atom_id 
_atom_site.label_alt_id 
_atom_site.label_comp_id 
_atom_site.label_asym_id 
_atom_site.label_entity_id 
_atom_site.label_seq_id 
_atom_site.pdbx_PDB_ins_code 
_atom_site.Cartn_x 
_atom_site.Cartn_y 
_atom_site.Cartn_z 
_atom_site.occupancy 
_atom_site.B_iso_or_equiv 
_atom_site.pdbx_formal_charge 
_atom_site.auth_seq_id 
_atom_site.auth_comp_id 
_atom_site.auth_asym_id 
_atom_site.auth_atom_id 
_atom_site.pdbx_PDB_model_num 
ATOM   1   O  "O5'" . DG  A 1 1  ? -7.395  -5.784  4.915   1.00 22.32 ? 1   DG  A "O5'" 1 
ATOM   2   C  "C5'" . DG  A 1 1  ? -8.677  -5.729  5.515   1.00 18.53 ? 1   DG  A "C5'" 1 
ATOM   3   C  "C4'" . DG  A 1 1  ? -8.593  -5.143  6.903   1.00 16.15 ? 1   DG  A "C4'" 1 
ATOM   4   O  "O4'" . DG  A 1 1  ? -7.998  -6.111  7.790   1.00 16.87 ? 1   DG  A "O4'" 1 
ATOM   5   C  "C3'" . DG  A 1 1  ? -7.705  -3.914  7.028   1.00 14.57 ? 1   DG  A "C3'" 1 
ATOM   6   O  "O3'" . DG  A 1 1  ? -8.416  -2.718  6.716   1.00 13.90 ? 1   DG  A "O3'" 1 
ATOM   7   C  "C2'" . DG  A 1 1  ? -7.308  -3.954  8.492   1.00 14.21 ? 1   DG  A "C2'" 1 
ATOM   8   C  "C1'" . DG  A 1 1  ? -7.190  -5.457  8.759   1.00 16.03 ? 1   DG  A "C1'" 1 
ATOM   9   N  N9    . DG  A 1 1  ? -5.819  -5.918  8.560   1.00 16.24 ? 1   DG  A N9    1 
ATOM   10  C  C8    . DG  A 1 1  ? -5.345  -6.680  7.520   1.00 17.19 ? 1   DG  A C8    1 
ATOM   11  N  N7    . DG  A 1 1  ? -4.058  -6.919  7.602   1.00 17.40 ? 1   DG  A N7    1 
ATOM   12  C  C5    . DG  A 1 1  ? -3.666  -6.274  8.771   1.00 16.75 ? 1   DG  A C5    1 
ATOM   13  C  C6    . DG  A 1 1  ? -2.390  -6.184  9.389   1.00 17.28 ? 1   DG  A C6    1 
ATOM   14  O  O6    . DG  A 1 1  ? -1.310  -6.674  9.012   1.00 18.14 ? 1   DG  A O6    1 
ATOM   15  N  N1    . DG  A 1 1  ? -2.447  -5.432  10.565  1.00 13.24 ? 1   DG  A N1    1 
ATOM   16  C  C2    . DG  A 1 1  ? -3.579  -4.846  11.086  1.00 12.36 ? 1   DG  A C2    1 
ATOM   17  N  N2    . DG  A 1 1  ? -3.429  -4.166  12.252  1.00 11.16 ? 1   DG  A N2    1 
ATOM   18  N  N3    . DG  A 1 1  ? -4.775  -4.920  10.518  1.00 14.45 ? 1   DG  A N3    1 
ATOM   19  C  C4    . DG  A 1 1  ? -4.743  -5.652  9.374   1.00 15.98 ? 1   DG  A C4    1 
ATOM   20  P  P     . DC  A 1 2  ? -7.625  -1.458  6.144   1.00 16.24 ? 2   DC  A P     1 
ATOM   21  O  OP1   . DC  A 1 2  ? -8.660  -0.417  5.910   1.00 14.80 ? 2   DC  A OP1   1 
ATOM   22  O  OP2   . DC  A 1 2  ? -6.709  -1.862  5.040   1.00 16.54 ? 2   DC  A OP2   1 
ATOM   23  O  "O5'" . DC  A 1 2  ? -6.713  -0.980  7.355   1.00 14.27 ? 2   DC  A "O5'" 1 
ATOM   24  C  "C5'" . DC  A 1 2  ? -7.299  -0.456  8.549   1.00 11.13 ? 2   DC  A "C5'" 1 
ATOM   25  C  "C4'" . DC  A 1 2  ? -6.223  -0.223  9.575   1.00 10.62 ? 2   DC  A "C4'" 1 
ATOM   26  O  "O4'" . DC  A 1 2  ? -5.519  -1.454  9.844   1.00 8.66  ? 2   DC  A "O4'" 1 
ATOM   27  C  "C3'" . DC  A 1 2  ? -5.147  0.738   9.107   1.00 11.50 ? 2   DC  A "C3'" 1 
ATOM   28  O  "O3'" . DC  A 1 2  ? -5.603  2.070   9.333   1.00 14.87 ? 2   DC  A "O3'" 1 
ATOM   29  C  "C2'" . DC  A 1 2  ? -3.962  0.340   9.966   1.00 11.83 ? 2   DC  A "C2'" 1 
ATOM   30  C  "C1'" . DC  A 1 2  ? -4.140  -1.171  10.101  1.00 11.00 ? 2   DC  A "C1'" 1 
ATOM   31  N  N1    . DC  A 1 2  ? -3.327  -1.947  9.146   1.00 12.13 ? 2   DC  A N1    1 
ATOM   32  C  C2    . DC  A 1 2  ? -1.999  -2.237  9.482   1.00 10.71 ? 2   DC  A C2    1 
ATOM   33  O  O2    . DC  A 1 2  ? -1.526  -1.763  10.508  1.00 9.10  ? 2   DC  A O2    1 
ATOM   34  N  N3    . DC  A 1 2  ? -1.259  -3.005  8.663   1.00 11.61 ? 2   DC  A N3    1 
ATOM   35  C  C4    . DC  A 1 2  ? -1.769  -3.444  7.519   1.00 12.51 ? 2   DC  A C4    1 
ATOM   36  N  N4    . DC  A 1 2  ? -0.974  -4.195  6.742   1.00 13.91 ? 2   DC  A N4    1 
ATOM   37  C  C5    . DC  A 1 2  ? -3.107  -3.135  7.119   1.00 14.46 ? 2   DC  A C5    1 
ATOM   38  C  C6    . DC  A 1 2  ? -3.849  -2.394  7.961   1.00 13.29 ? 2   DC  A C6    1 
ATOM   39  P  P     . DG  A 1 3  ? -4.877  3.289   8.593   1.00 16.66 ? 3   DG  A P     1 
ATOM   40  O  OP1   . DG  A 1 3  ? -5.585  4.537   9.013   1.00 18.20 ? 3   DG  A OP1   1 
ATOM   41  O  OP2   . DG  A 1 3  ? -4.712  2.986   7.182   1.00 15.29 ? 3   DG  A OP2   1 
ATOM   42  O  "O5'" . DG  A 1 3  ? -3.457  3.304   9.311   1.00 17.37 ? 3   DG  A "O5'" 1 
ATOM   43  C  "C5'" . DG  A 1 3  ? -2.297  3.813   8.670   1.00 16.54 ? 3   DG  A "C5'" 1 
ATOM   44  C  "C4'" . DG  A 1 3  ? -1.094  3.553   9.541   1.00 13.20 ? 3   DG  A "C4'" 1 
ATOM   45  O  "O4'" . DG  A 1 3  ? -0.959  2.128   9.744   1.00 14.14 ? 3   DG  A "O4'" 1 
ATOM   46  C  "C3'" . DG  A 1 3  ? 0.205   3.992   8.898   1.00 10.27 ? 3   DG  A "C3'" 1 
ATOM   47  O  "O3'" . DG  A 1 3  ? 0.470   5.346   9.231   1.00 10.16 ? 3   DG  A "O3'" 1 
ATOM   48  C  "C2'" . DG  A 1 3  ? 1.223   3.052   9.503   1.00 10.09 ? 3   DG  A "C2'" 1 
ATOM   49  C  "C1'" . DG  A 1 3  ? 0.424   1.759   9.641   1.00 10.98 ? 3   DG  A "C1'" 1 
ATOM   50  N  N9    . DG  A 1 3  ? 0.549   0.839   8.511   1.00 11.03 ? 3   DG  A N9    1 
ATOM   51  C  C8    . DG  A 1 3  ? -0.465  0.370   7.700   1.00 11.49 ? 3   DG  A C8    1 
ATOM   52  N  N7    . DG  A 1 3  ? -0.054  -0.497  6.813   1.00 9.57  ? 3   DG  A N7    1 
ATOM   53  C  C5    . DG  A 1 3  ? 1.317   -0.589  7.036   1.00 9.97  ? 3   DG  A C5    1 
ATOM   54  C  C6    . DG  A 1 3  ? 2.298   -1.386  6.395   1.00 9.89  ? 3   DG  A C6    1 
ATOM   55  O  O6    . DG  A 1 3  ? 2.146   -2.205  5.461   1.00 10.29 ? 3   DG  A O6    1 
ATOM   56  N  N1    . DG  A 1 3  ? 3.568   -1.172  6.936   1.00 10.04 ? 3   DG  A N1    1 
ATOM   57  C  C2    . DG  A 1 3  ? 3.854   -0.290  7.949   1.00 10.26 ? 3   DG  A C2    1 
ATOM   58  N  N2    . DG  A 1 3  ? 5.142   -0.178  8.303   1.00 9.38  ? 3   DG  A N2    1 
ATOM   59  N  N3    . DG  A 1 3  ? 2.945   0.445   8.568   1.00 11.38 ? 3   DG  A N3    1 
ATOM   60  C  C4    . DG  A 1 3  ? 1.706   0.244   8.063   1.00 10.17 ? 3   DG  A C4    1 
ATOM   61  P  P     . DT  A 1 4  ? 1.241   6.266   8.180   1.00 10.93 ? 4   DT  A P     1 
ATOM   62  O  OP1   . DT  A 1 4  ? 1.270   7.644   8.754   1.00 13.75 ? 4   DT  A OP1   1 
ATOM   63  O  OP2   . DT  A 1 4  ? 0.647   6.065   6.842   1.00 9.51  ? 4   DT  A OP2   1 
ATOM   64  O  "O5'" . DT  A 1 4  ? 2.707   5.642   8.160   1.00 12.13 ? 4   DT  A "O5'" 1 
ATOM   65  C  "C5'" . DT  A 1 4  ? 3.658   5.911   9.188   1.00 10.58 ? 4   DT  A "C5'" 1 
ATOM   66  C  "C4'" . DT  A 1 4  ? 5.042   5.522   8.724   1.00 11.65 ? 4   DT  A "C4'" 1 
ATOM   67  O  "O4'" . DT  A 1 4  ? 5.141   4.084   8.579   1.00 10.43 ? 4   DT  A "O4'" 1 
ATOM   68  C  "C3'" . DT  A 1 4  ? 5.399   6.062   7.350   1.00 11.05 ? 4   DT  A "C3'" 1 
ATOM   69  O  "O3'" . DT  A 1 4  ? 5.919   7.387   7.425   1.00 8.48  ? 4   DT  A "O3'" 1 
ATOM   70  C  "C2'" . DT  A 1 4  ? 6.435   5.078   6.853   1.00 11.35 ? 4   DT  A "C2'" 1 
ATOM   71  C  "C1'" . DT  A 1 4  ? 5.969   3.758   7.461   1.00 10.58 ? 4   DT  A "C1'" 1 
ATOM   72  N  N1    . DT  A 1 4  ? 5.164   2.942   6.520   1.00 8.71  ? 4   DT  A N1    1 
ATOM   73  C  C2    . DT  A 1 4  ? 5.808   1.963   5.790   1.00 7.68  ? 4   DT  A C2    1 
ATOM   74  O  O2    . DT  A 1 4  ? 7.020   1.790   5.827   1.00 10.08 ? 4   DT  A O2    1 
ATOM   75  N  N3    . DT  A 1 4  ? 4.983   1.207   4.996   1.00 7.08  ? 4   DT  A N3    1 
ATOM   76  C  C4    . DT  A 1 4  ? 3.617   1.344   4.832   1.00 8.78  ? 4   DT  A C4    1 
ATOM   77  O  O4    . DT  A 1 4  ? 3.004   0.557   4.096   1.00 11.21 ? 4   DT  A O4    1 
ATOM   78  C  C5    . DT  A 1 4  ? 3.012   2.439   5.576   1.00 9.98  ? 4   DT  A C5    1 
ATOM   79  C  C7    . DT  A 1 4  ? 1.551   2.723   5.398   1.00 9.86  ? 4   DT  A C7    1 
ATOM   80  C  C6    . DT  A 1 4  ? 3.802   3.158   6.386   1.00 9.70  ? 4   DT  A C6    1 
ATOM   81  P  P     . DA  A 1 5  ? 5.657   8.391   6.203   1.00 10.09 ? 5   DA  A P     1 
ATOM   82  O  OP1   . DA  A 1 5  ? 6.233   9.675   6.704   1.00 10.27 ? 5   DA  A OP1   1 
ATOM   83  O  OP2   . DA  A 1 5  ? 4.223   8.307   5.807   1.00 10.18 ? 5   DA  A OP2   1 
ATOM   84  O  "O5'" . DA  A 1 5  ? 6.579   7.802   5.041   1.00 9.59  ? 5   DA  A "O5'" 1 
ATOM   85  C  "C5'" . DA  A 1 5  ? 6.055   7.525   3.730   1.00 10.89 ? 5   DA  A "C5'" 1 
ATOM   86  C  "C4'" . DA  A 1 5  ? 7.027   6.651   2.978   1.00 10.98 ? 5   DA  A "C4'" 1 
ATOM   87  O  "O4'" . DA  A 1 5  ? 6.974   5.295   3.479   1.00 10.53 ? 5   DA  A "O4'" 1 
ATOM   88  C  "C3'" . DA  A 1 5  ? 6.770   6.530   1.482   1.00 10.25 ? 5   DA  A "C3'" 1 
ATOM   89  O  "O3'" . DA  A 1 5  ? 7.362   7.647   0.811   1.00 10.86 ? 5   DA  A "O3'" 1 
ATOM   90  C  "C2'" . DA  A 1 5  ? 7.479   5.226   1.164   1.00 10.66 ? 5   DA  A "C2'" 1 
ATOM   91  C  "C1'" . DA  A 1 5  ? 7.175   4.389   2.410   1.00 12.61 ? 5   DA  A "C1'" 1 
ATOM   92  N  N9    . DA  A 1 5  ? 5.932   3.645   2.218   1.00 10.34 ? 5   DA  A N9    1 
ATOM   93  C  C8    . DA  A 1 5  ? 4.656   3.950   2.623   1.00 10.72 ? 5   DA  A C8    1 
ATOM   94  N  N7    . DA  A 1 5  ? 3.755   3.076   2.240   1.00 11.34 ? 5   DA  A N7    1 
ATOM   95  C  C5    . DA  A 1 5  ? 4.497   2.127   1.541   1.00 10.04 ? 5   DA  A C5    1 
ATOM   96  C  C6    . DA  A 1 5  ? 4.137   0.941   0.872   1.00 8.64  ? 5   DA  A C6    1 
ATOM   97  N  N6    . DA  A 1 5  ? 2.881   0.482   0.800   1.00 8.83  ? 5   DA  A N6    1 
ATOM   98  N  N1    . DA  A 1 5  ? 5.124   0.240   0.270   1.00 10.10 ? 5   DA  A N1    1 
ATOM   99  C  C2    . DA  A 1 5  ? 6.371   0.695   0.338   1.00 10.22 ? 5   DA  A C2    1 
ATOM   100 N  N3    . DA  A 1 5  ? 6.837   1.792   0.942   1.00 9.15  ? 5   DA  A N3    1 
ATOM   101 C  C4    . DA  A 1 5  ? 5.833   2.468   1.524   1.00 9.86  ? 5   DA  A C4    1 
HETATM 102 P  P     . EIT A 1 6  ? 6.783   8.132   -0.605  1.00 11.72 ? 6   EIT A P     1 
HETATM 103 O  OP2   . EIT A 1 6  ? 5.348   8.233   -0.543  1.00 8.56  ? 6   EIT A OP2   1 
HETATM 104 O  "O5'" . EIT A 1 6  ? 7.149   6.934   -1.600  1.00 12.54 ? 6   EIT A "O5'" 1 
HETATM 105 C  "C5'" . EIT A 1 6  ? 8.521   6.618   -1.893  1.00 12.24 ? 6   EIT A "C5'" 1 
HETATM 106 C  "C4'" . EIT A 1 6  ? 8.609   5.356   -2.719  1.00 12.61 ? 6   EIT A "C4'" 1 
HETATM 107 O  "O4'" . EIT A 1 6  ? 8.139   4.239   -1.945  1.00 12.36 ? 6   EIT A "O4'" 1 
HETATM 108 C  "C1'" . EIT A 1 6  ? 7.533   3.283   -2.799  1.00 13.11 ? 6   EIT A "C1'" 1 
HETATM 109 N  N1    . EIT A 1 6  ? 6.100   3.139   -2.441  1.00 12.54 ? 6   EIT A N1    1 
HETATM 110 C  C6    . EIT A 1 6  ? 5.404   4.137   -1.780  1.00 9.83  ? 6   EIT A C6    1 
HETATM 111 C  C2    . EIT A 1 6  ? 5.478   1.956   -2.813  1.00 11.46 ? 6   EIT A C2    1 
HETATM 112 O  O2    . EIT A 1 6  ? 6.057   1.057   -3.404  1.00 13.38 ? 6   EIT A O2    1 
HETATM 113 N  N3    . EIT A 1 6  ? 4.156   1.872   -2.477  1.00 12.61 ? 6   EIT A N3    1 
HETATM 114 C  C4    . EIT A 1 6  ? 3.403   2.833   -1.828  1.00 10.70 ? 6   EIT A C4    1 
HETATM 115 O  O4    . EIT A 1 6  ? 2.231   2.627   -1.599  1.00 10.38 ? 6   EIT A O4    1 
HETATM 116 C  C5    . EIT A 1 6  ? 4.105   4.040   -1.469  1.00 10.88 ? 6   EIT A C5    1 
HETATM 117 C  C5M   . EIT A 1 6  ? 3.347   5.127   -0.771  1.00 11.14 ? 6   EIT A C5M   1 
HETATM 118 C  "C2'" . EIT A 1 6  ? 7.677   3.793   -4.228  1.00 13.88 ? 6   EIT A "C2'" 1 
HETATM 119 O  "O2'" . EIT A 1 6  ? 8.954   3.349   -4.679  1.00 17.06 ? 6   EIT A "O2'" 1 
HETATM 120 C  "CB'" . EIT A 1 6  ? 9.188   1.966   -4.940  1.00 14.24 ? 6   EIT A "CB'" 1 
HETATM 121 C  "CC'" A EIT A 1 6  ? 10.392  1.888   -5.891  0.56 15.43 ? 6   EIT A "CC'" 1 
HETATM 122 C  "CC'" B EIT A 1 6  ? 10.685  1.621   -4.957  0.44 15.59 ? 6   EIT A "CC'" 1 
HETATM 123 N  "ND'" A EIT A 1 6  ? 10.653  2.985   -6.845  0.56 19.88 ? 6   EIT A "ND'" 1 
HETATM 124 N  "ND'" B EIT A 1 6  ? 11.612  2.118   -3.927  0.44 16.81 ? 6   EIT A "ND'" 1 
HETATM 125 C  "CE'" A EIT A 1 6  ? 11.118  4.222   -6.535  0.56 18.51 ? 6   EIT A "CE'" 1 
HETATM 126 C  "CE'" B EIT A 1 6  ? 12.548  3.085   -4.102  0.44 17.83 ? 6   EIT A "CE'" 1 
HETATM 127 N  "NF'" A EIT A 1 6  ? 11.189  4.957   -7.632  0.56 18.40 ? 6   EIT A "NF'" 1 
HETATM 128 N  "NF'" B EIT A 1 6  ? 13.238  3.256   -2.987  0.44 19.75 ? 6   EIT A "NF'" 1 
HETATM 129 C  "CG'" A EIT A 1 6  ? 10.754  4.140   -8.635  0.56 19.72 ? 6   EIT A "CG'" 1 
HETATM 130 C  "CG'" B EIT A 1 6  ? 12.701  2.366   -2.105  0.44 17.44 ? 6   EIT A "CG'" 1 
HETATM 131 C  "CH'" A EIT A 1 6  ? 10.406  2.882   -8.194  0.56 18.50 ? 6   EIT A "CH'" 1 
HETATM 132 C  "CH'" B EIT A 1 6  ? 11.674  1.626   -2.648  0.44 19.10 ? 6   EIT A "CH'" 1 
HETATM 133 C  "C3'" . EIT A 1 6  ? 7.744   5.285   -3.972  1.00 14.36 ? 6   EIT A "C3'" 1 
HETATM 134 O  "O3'" . EIT A 1 6  ? 8.249   5.994   -5.075  1.00 17.86 ? 6   EIT A "O3'" 1 
HETATM 135 O  OP1   . EIT A 1 6  ? 7.590   9.330   -0.988  1.00 15.79 ? 6   EIT A OP1   1 
ATOM   136 P  P     . DA  A 1 7  ? 7.223   6.694   -6.083  1.00 17.42 ? 7   DA  A P     1 
ATOM   137 O  OP1   . DA  A 1 7  ? 8.074   7.552   -6.931  1.00 20.37 ? 7   DA  A OP1   1 
ATOM   138 O  OP2   . DA  A 1 7  ? 6.046   7.284   -5.380  1.00 16.29 ? 7   DA  A OP2   1 
ATOM   139 O  "O5'" . DA  A 1 7  ? 6.666   5.485   -6.966  1.00 17.75 ? 7   DA  A "O5'" 1 
ATOM   140 C  "C5'" . DA  A 1 7  ? 7.568   4.668   -7.720  1.00 16.07 ? 7   DA  A "C5'" 1 
ATOM   141 C  "C4'" . DA  A 1 7  ? 6.860   3.457   -8.280  1.00 14.68 ? 7   DA  A "C4'" 1 
ATOM   142 O  "O4'" . DA  A 1 7  ? 6.512   2.557   -7.192  1.00 14.06 ? 7   DA  A "O4'" 1 
ATOM   143 C  "C3'" . DA  A 1 7  ? 5.545   3.692   -9.017  1.00 18.19 ? 7   DA  A "C3'" 1 
ATOM   144 O  "O3'" . DA  A 1 7  ? 5.698   4.139   -10.374 1.00 18.07 ? 7   DA  A "O3'" 1 
ATOM   145 C  "C2'" . DA  A 1 7  ? 4.908   2.318   -8.927  1.00 10.59 ? 7   DA  A "C2'" 1 
ATOM   146 C  "C1'" . DA  A 1 7  ? 5.301   1.877   -7.514  1.00 13.15 ? 7   DA  A "C1'" 1 
ATOM   147 N  N9    . DA  A 1 7  ? 4.273   2.299   -6.563  1.00 12.51 ? 7   DA  A N9    1 
ATOM   148 C  C8    . DA  A 1 7  ? 4.198   3.437   -5.792  1.00 12.57 ? 7   DA  A C8    1 
ATOM   149 N  N7    . DA  A 1 7  ? 3.065   3.551   -5.131  1.00 10.77 ? 7   DA  A N7    1 
ATOM   150 C  C5    . DA  A 1 7  ? 2.373   2.393   -5.452  1.00 10.27 ? 7   DA  A C5    1 
ATOM   151 C  C6    . DA  A 1 7  ? 1.104   1.902   -5.069  1.00 10.40 ? 7   DA  A C6    1 
ATOM   152 N  N6    . DA  A 1 7  ? 0.283   2.534   -4.209  1.00 10.73 ? 7   DA  A N6    1 
ATOM   153 N  N1    . DA  A 1 7  ? 0.699   0.717   -5.605  1.00 9.92  ? 7   DA  A N1    1 
ATOM   154 C  C2    . DA  A 1 7  ? 1.526   0.074   -6.437  1.00 7.71  ? 7   DA  A C2    1 
ATOM   155 N  N3    . DA  A 1 7  ? 2.751   0.428   -6.863  1.00 9.32  ? 7   DA  A N3    1 
ATOM   156 C  C4    . DA  A 1 7  ? 3.107   1.611   -6.330  1.00 12.28 ? 7   DA  A C4    1 
ATOM   157 P  P     . DC  A 1 8  ? 4.573   5.093   -11.029 1.00 18.38 ? 8   DC  A P     1 
ATOM   158 O  OP1   . DC  A 1 8  ? 5.108   5.496   -12.350 1.00 23.00 ? 8   DC  A OP1   1 
ATOM   159 O  OP2   . DC  A 1 8  ? 4.155   6.128   -10.076 1.00 20.38 ? 8   DC  A OP2   1 
ATOM   160 O  "O5'" . DC  A 1 8  ? 3.311   4.133   -11.259 1.00 17.37 ? 8   DC  A "O5'" 1 
ATOM   161 C  "C5'" . DC  A 1 8  ? 3.439   2.967   -12.082 1.00 14.02 ? 8   DC  A "C5'" 1 
ATOM   162 C  "C4'" . DC  A 1 8  ? 2.245   2.050   -11.927 1.00 11.62 ? 8   DC  A "C4'" 1 
ATOM   163 O  "O4'" . DC  A 1 8  ? 2.104   1.606   -10.563 1.00 10.10 ? 8   DC  A "O4'" 1 
ATOM   164 C  "C3'" . DC  A 1 8  ? 0.866   2.583   -12.304 1.00 11.39 ? 8   DC  A "C3'" 1 
ATOM   165 O  "O3'" . DC  A 1 8  ? 0.713   2.505   -13.720 1.00 14.12 ? 8   DC  A "O3'" 1 
ATOM   166 C  "C2'" . DC  A 1 8  ? -0.039  1.586   -11.590 1.00 11.26 ? 8   DC  A "C2'" 1 
ATOM   167 C  "C1'" . DC  A 1 8  ? 0.743   1.285   -10.304 1.00 10.00 ? 8   DC  A "C1'" 1 
ATOM   168 N  N1    . DC  A 1 8  ? 0.266   2.143   -9.210  1.00 11.01 ? 8   DC  A N1    1 
ATOM   169 C  C2    . DC  A 1 8  ? -0.903  1.772   -8.547  1.00 11.41 ? 8   DC  A C2    1 
ATOM   170 O  O2    . DC  A 1 8  ? -1.478  0.733   -8.901  1.00 10.51 ? 8   DC  A O2    1 
ATOM   171 N  N3    . DC  A 1 8  ? -1.391  2.553   -7.562  1.00 11.45 ? 8   DC  A N3    1 
ATOM   172 C  C4    . DC  A 1 8  ? -0.766  3.695   -7.247  1.00 13.24 ? 8   DC  A C4    1 
ATOM   173 N  N4    . DC  A 1 8  ? -1.312  4.462   -6.288  1.00 11.26 ? 8   DC  A N4    1 
ATOM   174 C  C5    . DC  A 1 8  ? 0.436   4.100   -7.904  1.00 13.10 ? 8   DC  A C5    1 
ATOM   175 C  C6    . DC  A 1 8  ? 0.920   3.297   -8.866  1.00 12.35 ? 8   DC  A C6    1 
ATOM   176 P  P     . DG  A 1 9  ? -0.251  3.538   -14.494 1.00 16.09 ? 9   DG  A P     1 
ATOM   177 O  OP1   . DG  A 1 9  ? -0.088  3.235   -15.924 1.00 19.14 ? 9   DG  A OP1   1 
ATOM   178 O  OP2   . DG  A 1 9  ? -0.048  4.904   -13.989 1.00 22.14 ? 9   DG  A OP2   1 
ATOM   179 O  "O5'" . DG  A 1 9  ? -1.696  3.052   -14.055 1.00 14.18 ? 9   DG  A "O5'" 1 
ATOM   180 C  "C5'" . DG  A 1 9  ? -2.169  1.780   -14.443 1.00 9.84  ? 9   DG  A "C5'" 1 
ATOM   181 C  "C4'" . DG  A 1 9  ? -3.496  1.509   -13.784 1.00 12.18 ? 9   DG  A "C4'" 1 
ATOM   182 O  "O4'" . DG  A 1 9  ? -3.318  1.388   -12.360 1.00 10.20 ? 9   DG  A "O4'" 1 
ATOM   183 C  "C3'" . DG  A 1 9  ? -4.540  2.606   -13.907 1.00 10.14 ? 9   DG  A "C3'" 1 
ATOM   184 O  "O3'" . DG  A 1 9  ? -5.194  2.581   -15.164 1.00 7.90  ? 9   DG  A "O3'" 1 
ATOM   185 C  "C2'" . DG  A 1 9  ? -5.501  2.229   -12.797 1.00 13.71 ? 9   DG  A "C2'" 1 
ATOM   186 C  "C1'" . DG  A 1 9  ? -4.570  1.678   -11.724 1.00 13.22 ? 9   DG  A "C1'" 1 
ATOM   187 N  N9    . DG  A 1 9  ? -4.373  2.705   -10.705 1.00 10.88 ? 9   DG  A N9    1 
ATOM   188 C  C8    . DG  A 1 9  ? -3.337  3.593   -10.545 1.00 10.85 ? 9   DG  A C8    1 
ATOM   189 N  N7    . DG  A 1 9  ? -3.498  4.387   -9.513  1.00 11.45 ? 9   DG  A N7    1 
ATOM   190 C  C5    . DG  A 1 9  ? -4.709  3.988   -8.958  1.00 11.14 ? 9   DG  A C5    1 
ATOM   191 C  C6    . DG  A 1 9  ? -5.422  4.464   -7.800  1.00 9.11  ? 9   DG  A C6    1 
ATOM   192 O  O6    . DG  A 1 9  ? -5.103  5.358   -6.996  1.00 11.73 ? 9   DG  A O6    1 
ATOM   193 N  N1    . DG  A 1 9  ? -6.624  3.790   -7.630  1.00 9.85  ? 9   DG  A N1    1 
ATOM   194 C  C2    . DG  A 1 9  ? -7.108  2.800   -8.474  1.00 8.02  ? 9   DG  A C2    1 
ATOM   195 N  N2    . DG  A 1 9  ? -8.334  2.316   -8.206  1.00 7.72  ? 9   DG  A N2    1 
ATOM   196 N  N3    . DG  A 1 9  ? -6.451  2.337   -9.517  1.00 9.47  ? 9   DG  A N3    1 
ATOM   197 C  C4    . DG  A 1 9  ? -5.268  2.966   -9.698  1.00 10.08 ? 9   DG  A C4    1 
ATOM   198 P  P     . DC  A 1 10 ? -6.083  3.838   -15.609 1.00 11.20 ? 10  DC  A P     1 
ATOM   199 O  OP1   . DC  A 1 10 ? -6.377  3.590   -17.026 1.00 12.12 ? 10  DC  A OP1   1 
ATOM   200 O  OP2   . DC  A 1 10 ? -5.444  5.096   -15.204 1.00 16.65 ? 10  DC  A OP2   1 
ATOM   201 O  "O5'" . DC  A 1 10 ? -7.449  3.713   -14.772 1.00 9.90  ? 10  DC  A "O5'" 1 
ATOM   202 C  "C5'" . DC  A 1 10 ? -8.312  2.543   -14.923 1.00 10.70 ? 10  DC  A "C5'" 1 
ATOM   203 C  "C4'" . DC  A 1 10 ? -9.511  2.630   -14.002 1.00 10.12 ? 10  DC  A "C4'" 1 
ATOM   204 O  "O4'" . DC  A 1 10 ? -9.067  2.616   -12.625 1.00 9.41  ? 10  DC  A "O4'" 1 
ATOM   205 C  "C3'" . DC  A 1 10 ? -10.355 3.901   -14.133 1.00 9.32  ? 10  DC  A "C3'" 1 
ATOM   206 O  "O3'" . DC  A 1 10 ? -11.385 3.717   -15.117 1.00 9.11  ? 10  DC  A "O3'" 1 
ATOM   207 C  "C2'" . DC  A 1 10 ? -10.959 4.031   -12.749 1.00 7.65  ? 10  DC  A "C2'" 1 
ATOM   208 C  "C1'" . DC  A 1 10 ? -9.864  3.476   -11.843 1.00 9.39  ? 10  DC  A "C1'" 1 
ATOM   209 N  N1    . DC  A 1 10 ? -9.000  4.517   -11.276 1.00 9.34  ? 10  DC  A N1    1 
ATOM   210 C  C2    . DC  A 1 10 ? -9.412  5.120   -10.082 1.00 9.03  ? 10  DC  A C2    1 
ATOM   211 O  O2    . DC  A 1 10 ? -10.479 4.765   -9.583  1.00 11.02 ? 10  DC  A O2    1 
ATOM   212 N  N3    . DC  A 1 10 ? -8.649  6.070   -9.511  1.00 6.86  ? 10  DC  A N3    1 
ATOM   213 C  C4    . DC  A 1 10 ? -7.510  6.438   -10.084 1.00 9.36  ? 10  DC  A C4    1 
ATOM   214 N  N4    . DC  A 1 10 ? -6.781  7.379   -9.456  1.00 11.57 ? 10  DC  A N4    1 
ATOM   215 C  C5    . DC  A 1 10 ? -7.062  5.867   -11.322 1.00 8.44  ? 10  DC  A C5    1 
ATOM   216 C  C6    . DC  A 1 10 ? -7.836  4.904   -11.879 1.00 8.26  ? 10  DC  A C6    1 
ATOM   217 O  "O5'" . DG  B 1 1  ? -12.589 11.688  -1.075  1.00 25.32 ? 11  DG  B "O5'" 1 
ATOM   218 C  "C5'" . DG  B 1 1  ? -11.856 10.736  -0.289  1.00 21.19 ? 11  DG  B "C5'" 1 
ATOM   219 C  "C4'" . DG  B 1 1  ? -12.360 9.360   -0.644  1.00 17.05 ? 11  DG  B "C4'" 1 
ATOM   220 O  "O4'" . DG  B 1 1  ? -12.194 9.164   -2.065  1.00 19.50 ? 11  DG  B "O4'" 1 
ATOM   221 C  "C3'" . DG  B 1 1  ? -11.630 8.208   0.040   1.00 16.38 ? 11  DG  B "C3'" 1 
ATOM   222 O  "O3'" . DG  B 1 1  ? -12.572 7.177   0.317   1.00 14.98 ? 11  DG  B "O3'" 1 
ATOM   223 C  "C2'" . DG  B 1 1  ? -10.627 7.760   -1.004  1.00 16.21 ? 11  DG  B "C2'" 1 
ATOM   224 C  "C1'" . DG  B 1 1  ? -11.334 8.072   -2.320  1.00 16.73 ? 11  DG  B "C1'" 1 
ATOM   225 N  N9    . DG  B 1 1  ? -10.386 8.482   -3.346  1.00 18.54 ? 11  DG  B N9    1 
ATOM   226 C  C8    . DG  B 1 1  ? -9.385  9.424   -3.221  1.00 16.19 ? 11  DG  B C8    1 
ATOM   227 N  N7    . DG  B 1 1  ? -8.626  9.504   -4.281  1.00 16.24 ? 11  DG  B N7    1 
ATOM   228 C  C5    . DG  B 1 1  ? -9.165  8.577   -5.167  1.00 16.19 ? 11  DG  B C5    1 
ATOM   229 C  C6    . DG  B 1 1  ? -8.728  8.179   -6.447  1.00 13.78 ? 11  DG  B C6    1 
ATOM   230 O  O6    . DG  B 1 1  ? -7.726  8.558   -7.071  1.00 14.17 ? 11  DG  B O6    1 
ATOM   231 N  N1    . DG  B 1 1  ? -9.564  7.204   -6.994  1.00 13.27 ? 11  DG  B N1    1 
ATOM   232 C  C2    . DG  B 1 1  ? -10.659 6.662   -6.369  1.00 12.63 ? 11  DG  B C2    1 
ATOM   233 N  N2    . DG  B 1 1  ? -11.320 5.706   -7.040  1.00 13.45 ? 11  DG  B N2    1 
ATOM   234 N  N3    . DG  B 1 1  ? -11.069 7.017   -5.164  1.00 14.50 ? 11  DG  B N3    1 
ATOM   235 C  C4    . DG  B 1 1  ? -10.276 7.964   -4.621  1.00 15.01 ? 11  DG  B C4    1 
ATOM   236 P  P     . DC  B 1 2  ? -12.075 5.763   0.928   1.00 14.90 ? 12  DC  B P     1 
ATOM   237 O  OP1   . DC  B 1 2  ? -13.173 5.303   1.828   1.00 16.51 ? 12  DC  B OP1   1 
ATOM   238 O  OP2   . DC  B 1 2  ? -10.706 5.839   1.451   1.00 14.93 ? 12  DC  B OP2   1 
ATOM   239 O  "O5'" . DC  B 1 2  ? -12.044 4.827   -0.349  1.00 12.11 ? 12  DC  B "O5'" 1 
ATOM   240 C  "C5'" . DC  B 1 2  ? -13.262 4.519   -1.017  1.00 13.98 ? 12  DC  B "C5'" 1 
ATOM   241 C  "C4'" . DC  B 1 2  ? -12.992 3.664   -2.228  1.00 11.53 ? 12  DC  B "C4'" 1 
ATOM   242 O  "O4'" . DC  B 1 2  ? -12.331 4.433   -3.258  1.00 12.60 ? 12  DC  B "O4'" 1 
ATOM   243 C  "C3'" . DC  B 1 2  ? -12.073 2.478   -1.992  1.00 10.98 ? 12  DC  B "C3'" 1 
ATOM   244 O  "O3'" . DC  B 1 2  ? -12.816 1.410   -1.420  1.00 10.60 ? 12  DC  B "O3'" 1 
ATOM   245 C  "C2'" . DC  B 1 2  ? -11.607 2.172   -3.406  1.00 11.22 ? 12  DC  B "C2'" 1 
ATOM   246 C  "C1'" . DC  B 1 2  ? -11.530 3.555   -4.047  1.00 11.51 ? 12  DC  B "C1'" 1 
ATOM   247 N  N1    . DC  B 1 2  ? -10.161 4.096   -4.085  1.00 8.85  ? 12  DC  B N1    1 
ATOM   248 C  C2    . DC  B 1 2  ? -9.359  3.800   -5.197  1.00 8.92  ? 12  DC  B C2    1 
ATOM   249 O  O2    . DC  B 1 2  ? -9.772  2.982   -6.015  1.00 9.03  ? 12  DC  B O2    1 
ATOM   250 N  N3    . DC  B 1 2  ? -8.147  4.390   -5.325  1.00 8.17  ? 12  DC  B N3    1 
ATOM   251 C  C4    . DC  B 1 2  ? -7.707  5.216   -4.367  1.00 8.06  ? 12  DC  B C4    1 
ATOM   252 N  N4    . DC  B 1 2  ? -6.530  5.863   -4.571  1.00 7.65  ? 12  DC  B N4    1 
ATOM   253 C  C5    . DC  B 1 2  ? -8.457  5.454   -3.173  1.00 9.63  ? 12  DC  B C5    1 
ATOM   254 C  C6    . DC  B 1 2  ? -9.679  4.885   -3.076  1.00 8.83  ? 12  DC  B C6    1 
ATOM   255 P  P     . DG  B 1 3  ? -12.037 0.180   -0.722  1.00 11.41 ? 13  DG  B P     1 
ATOM   256 O  OP1   . DG  B 1 3  ? -13.124 -0.710  -0.209  1.00 11.71 ? 13  DG  B OP1   1 
ATOM   257 O  OP2   . DG  B 1 3  ? -10.970 0.650   0.197   1.00 10.84 ? 13  DG  B OP2   1 
ATOM   258 O  "O5'" . DG  B 1 3  ? -11.358 -0.569  -1.945  1.00 12.72 ? 13  DG  B "O5'" 1 
ATOM   259 C  "C5'" . DG  B 1 3  ? -9.966  -0.920  -1.958  1.00 8.91  ? 13  DG  B "C5'" 1 
ATOM   260 C  "C4'" . DG  B 1 3  ? -9.564  -1.285  -3.367  1.00 9.96  ? 13  DG  B "C4'" 1 
ATOM   261 O  "O4'" . DG  B 1 3  ? -9.399  -0.074  -4.142  1.00 9.72  ? 13  DG  B "O4'" 1 
ATOM   262 C  "C3'" . DG  B 1 3  ? -8.245  -2.027  -3.516  1.00 9.05  ? 13  DG  B "C3'" 1 
ATOM   263 O  "O3'" . DG  B 1 3  ? -8.438  -3.426  -3.314  1.00 9.80  ? 13  DG  B "O3'" 1 
ATOM   264 C  "C2'" . DG  B 1 3  ? -7.852  -1.702  -4.935  1.00 6.56  ? 13  DG  B "C2'" 1 
ATOM   265 C  "C1'" . DG  B 1 3  ? -8.329  -0.251  -5.075  1.00 9.28  ? 13  DG  B "C1'" 1 
ATOM   266 N  N9    . DG  B 1 3  ? -7.291  0.724   -4.748  1.00 8.43  ? 13  DG  B N9    1 
ATOM   267 C  C8    . DG  B 1 3  ? -7.296  1.623   -3.709  1.00 9.69  ? 13  DG  B C8    1 
ATOM   268 N  N7    . DG  B 1 3  ? -6.242  2.391   -3.685  1.00 12.28 ? 13  DG  B N7    1 
ATOM   269 C  C5    . DG  B 1 3  ? -5.489  1.974   -4.773  1.00 9.52  ? 13  DG  B C5    1 
ATOM   270 C  C6    . DG  B 1 3  ? -4.243  2.444   -5.268  1.00 6.97  ? 13  DG  B C6    1 
ATOM   271 O  O6    . DG  B 1 3  ? -3.530  3.367   -4.820  1.00 9.57  ? 13  DG  B O6    1 
ATOM   272 N  N1    . DG  B 1 3  ? -3.841  1.733   -6.405  1.00 9.14  ? 13  DG  B N1    1 
ATOM   273 C  C2    . DG  B 1 3  ? -4.546  0.706   -6.980  1.00 9.05  ? 13  DG  B C2    1 
ATOM   274 N  N2    . DG  B 1 3  ? -3.998  0.145   -8.049  1.00 6.50  ? 13  DG  B N2    1 
ATOM   275 N  N3    . DG  B 1 3  ? -5.712  0.262   -6.525  1.00 8.64  ? 13  DG  B N3    1 
ATOM   276 C  C4    . DG  B 1 3  ? -6.121  0.935   -5.436  1.00 8.97  ? 13  DG  B C4    1 
ATOM   277 P  P     . DT  B 1 4  ? -7.252  -4.294  -2.652  1.00 10.57 ? 14  DT  B P     1 
ATOM   278 O  OP1   . DT  B 1 4  ? -7.763  -5.686  -2.480  1.00 11.63 ? 14  DT  B OP1   1 
ATOM   279 O  OP2   . DT  B 1 4  ? -6.643  -3.599  -1.495  1.00 11.73 ? 14  DT  B OP2   1 
ATOM   280 O  "O5'" . DT  B 1 4  ? -6.105  -4.321  -3.753  1.00 13.15 ? 14  DT  B "O5'" 1 
ATOM   281 C  "C5'" . DT  B 1 4  ? -6.305  -4.990  -5.002  1.00 11.39 ? 14  DT  B "C5'" 1 
ATOM   282 C  "C4'" . DT  B 1 4  ? -5.067  -4.876  -5.860  1.00 10.87 ? 14  DT  B "C4'" 1 
ATOM   283 O  "O4'" . DT  B 1 4  ? -4.862  -3.519  -6.318  1.00 11.94 ? 14  DT  B "O4'" 1 
ATOM   284 C  "C3'" . DT  B 1 4  ? -3.762  -5.230  -5.175  1.00 10.84 ? 14  DT  B "C3'" 1 
ATOM   285 O  "O3'" . DT  B 1 4  ? -3.581  -6.644  -5.110  1.00 10.30 ? 14  DT  B "O3'" 1 
ATOM   286 C  "C2'" . DT  B 1 4  ? -2.743  -4.565  -6.075  1.00 9.45  ? 14  DT  B "C2'" 1 
ATOM   287 C  "C1'" . DT  B 1 4  ? -3.460  -3.277  -6.452  1.00 7.58  ? 14  DT  B "C1'" 1 
ATOM   288 N  N1    . DT  B 1 4  ? -3.087  -2.193  -5.526  1.00 9.41  ? 14  DT  B N1    1 
ATOM   289 C  C2    . DT  B 1 4  ? -1.931  -1.509  -5.815  1.00 8.75  ? 14  DT  B C2    1 
ATOM   290 O  O2    . DT  B 1 4  ? -1.205  -1.804  -6.747  1.00 10.16 ? 14  DT  B O2    1 
ATOM   291 N  N3    . DT  B 1 4  ? -1.638  -0.485  -4.963  1.00 9.65  ? 14  DT  B N3    1 
ATOM   292 C  C4    . DT  B 1 4  ? -2.348  -0.098  -3.842  1.00 9.49  ? 14  DT  B C4    1 
ATOM   293 O  O4    . DT  B 1 4  ? -1.945  0.849   -3.166  1.00 9.77  ? 14  DT  B O4    1 
ATOM   294 C  C5    . DT  B 1 4  ? -3.541  -0.880  -3.566  1.00 9.44  ? 14  DT  B C5    1 
ATOM   295 C  C7    . DT  B 1 4  ? -4.380  -0.546  -2.364  1.00 8.57  ? 14  DT  B C7    1 
ATOM   296 C  C6    . DT  B 1 4  ? -3.850  -1.879  -4.418  1.00 8.72  ? 14  DT  B C6    1 
ATOM   297 P  P     . DA  B 1 5  ? -2.759  -7.257  -3.894  1.00 14.42 ? 15  DA  B P     1 
ATOM   298 O  OP1   . DA  B 1 5  ? -3.051  -8.717  -3.969  1.00 17.34 ? 15  DA  B OP1   1 
ATOM   299 O  OP2   . DA  B 1 5  ? -3.034  -6.500  -2.680  1.00 13.36 ? 15  DA  B OP2   1 
ATOM   300 O  "O5'" . DA  B 1 5  ? -1.244  -6.979  -4.297  1.00 14.20 ? 15  DA  B "O5'" 1 
ATOM   301 C  "C5'" . DA  B 1 5  ? -0.701  -7.538  -5.503  1.00 12.45 ? 15  DA  B "C5'" 1 
ATOM   302 C  "C4'" . DA  B 1 5  ? 0.659   -6.951  -5.804  1.00 11.96 ? 15  DA  B "C4'" 1 
ATOM   303 O  "O4'" . DA  B 1 5  ? 0.538   -5.557  -6.172  1.00 12.39 ? 15  DA  B "O4'" 1 
ATOM   304 C  "C3'" . DA  B 1 5  ? 1.675   -6.975  -4.672  1.00 11.21 ? 15  DA  B "C3'" 1 
ATOM   305 O  "O3'" . DA  B 1 5  ? 2.319   -8.260  -4.590  1.00 11.87 ? 15  DA  B "O3'" 1 
ATOM   306 C  "C2'" . DA  B 1 5  ? 2.623   -5.870  -5.091  1.00 8.46  ? 15  DA  B "C2'" 1 
ATOM   307 C  "C1'" . DA  B 1 5  ? 1.680   -4.847  -5.704  1.00 10.53 ? 15  DA  B "C1'" 1 
ATOM   308 N  N9    . DA  B 1 5  ? 1.218   -3.876  -4.714  1.00 13.00 ? 15  DA  B N9    1 
ATOM   309 C  C8    . DA  B 1 5  ? 0.037   -3.835  -4.017  1.00 13.81 ? 15  DA  B C8    1 
ATOM   310 N  N7    . DA  B 1 5  ? -0.064  -2.798  -3.216  1.00 13.24 ? 15  DA  B N7    1 
ATOM   311 C  C5    . DA  B 1 5  ? 1.132   -2.122  -3.395  1.00 11.61 ? 15  DA  B C5    1 
ATOM   312 C  C6    . DA  B 1 5  ? 1.639   -0.923  -2.852  1.00 12.39 ? 15  DA  B C6    1 
ATOM   313 N  N6    . DA  B 1 5  ? 0.969   -0.161  -1.971  1.00 13.64 ? 15  DA  B N6    1 
ATOM   314 N  N1    . DA  B 1 5  ? 2.868   -0.527  -3.255  1.00 11.77 ? 15  DA  B N1    1 
ATOM   315 C  C2    . DA  B 1 5  ? 3.532   -1.278  -4.129  1.00 12.69 ? 15  DA  B C2    1 
ATOM   316 N  N3    . DA  B 1 5  ? 3.159   -2.418  -4.715  1.00 12.86 ? 15  DA  B N3    1 
ATOM   317 C  C4    . DA  B 1 5  ? 1.936   -2.782  -4.301  1.00 12.80 ? 15  DA  B C4    1 
HETATM 318 P  P     . EIT B 1 6  ? 2.962   -8.746  -3.201  1.00 13.23 ? 16  EIT B P     1 
HETATM 319 O  OP2   . EIT B 1 6  ? 2.153   -8.396  -2.034  1.00 12.39 ? 16  EIT B OP2   1 
HETATM 320 O  "O5'" . EIT B 1 6  ? 4.293   -7.887  -3.104  1.00 11.60 ? 16  EIT B "O5'" 1 
HETATM 321 C  "C5'" . EIT B 1 6  ? 5.337   -8.036  -4.075  1.00 11.40 ? 16  EIT B "C5'" 1 
HETATM 322 C  "C4'" . EIT B 1 6  ? 6.416   -7.024  -3.822  1.00 12.51 ? 16  EIT B "C4'" 1 
HETATM 323 O  "O4'" . EIT B 1 6  ? 5.892   -5.684  -4.042  1.00 12.31 ? 16  EIT B "O4'" 1 
HETATM 324 C  "C1'" . EIT B 1 6  ? 6.515   -4.787  -3.131  1.00 11.80 ? 16  EIT B "C1'" 1 
HETATM 325 N  N1    . EIT B 1 6  ? 5.480   -4.182  -2.267  1.00 9.12  ? 16  EIT B N1    1 
HETATM 326 C  C6    . EIT B 1 6  ? 4.261   -4.812  -2.021  1.00 12.36 ? 16  EIT B C6    1 
HETATM 327 C  C2    . EIT B 1 6  ? 5.774   -2.949  -1.716  1.00 10.76 ? 16  EIT B C2    1 
HETATM 328 O  O2    . EIT B 1 6  ? 6.847   -2.397  -1.877  1.00 10.68 ? 16  EIT B O2    1 
HETATM 329 N  N3    . EIT B 1 6  ? 4.769   -2.405  -0.961  1.00 9.86  ? 16  EIT B N3    1 
HETATM 330 C  C4    . EIT B 1 6  ? 3.535   -2.968  -0.682  1.00 9.57  ? 16  EIT B C4    1 
HETATM 331 O  O4    . EIT B 1 6  ? 2.725   -2.366  0.019   1.00 9.99  ? 16  EIT B O4    1 
HETATM 332 C  C5    . EIT B 1 6  ? 3.296   -4.274  -1.267  1.00 8.59  ? 16  EIT B C5    1 
HETATM 333 C  C5M   . EIT B 1 6  ? 1.984   -4.947  -0.999  1.00 10.77 ? 16  EIT B C5M   1 
HETATM 334 C  "C2'" . EIT B 1 6  ? 7.527   -5.588  -2.313  1.00 11.52 ? 16  EIT B "C2'" 1 
HETATM 335 O  "O2'" . EIT B 1 6  ? 8.725   -5.601  -3.080  1.00 13.97 ? 16  EIT B "O2'" 1 
HETATM 336 C  "CB'" . EIT B 1 6  ? 9.557   -4.451  -3.091  1.00 14.67 ? 16  EIT B "CB'" 1 
HETATM 337 C  "CC'" . EIT B 1 6  ? 10.845  -4.811  -3.842  1.00 18.18 ? 16  EIT B "CC'" 1 
HETATM 338 N  "ND'" . EIT B 1 6  ? 11.687  -5.858  -3.243  1.00 22.60 ? 16  EIT B "ND'" 1 
HETATM 339 C  "CE'" . EIT B 1 6  ? 11.612  -7.174  -3.545  1.00 23.97 ? 16  EIT B "CE'" 1 
HETATM 340 N  "NF'" . EIT B 1 6  ? 12.490  -7.841  -2.802  1.00 24.28 ? 16  EIT B "NF'" 1 
HETATM 341 C  "CG'" . EIT B 1 6  ? 13.117  -6.913  -2.023  1.00 24.22 ? 16  EIT B "CG'" 1 
HETATM 342 C  "CH'" . EIT B 1 6  ? 12.645  -5.640  -2.269  1.00 23.76 ? 16  EIT B "CH'" 1 
HETATM 343 C  "C3'" . EIT B 1 6  ? 6.912   -6.970  -2.382  1.00 10.94 ? 16  EIT B "C3'" 1 
HETATM 344 O  "O3'" . EIT B 1 6  ? 7.824   -8.000  -2.060  1.00 11.09 ? 16  EIT B "O3'" 1 
HETATM 345 O  OP1   . EIT B 1 6  ? 3.343   -10.194 -3.429  1.00 17.38 ? 16  EIT B OP1   1 
ATOM   346 P  P     . DA  B 1 7  ? 7.871   -8.581  -0.563  1.00 14.20 ? 17  DA  B P     1 
ATOM   347 O  OP1   . DA  B 1 7  ? 8.701   -9.804  -0.692  1.00 15.64 ? 17  DA  B OP1   1 
ATOM   348 O  OP2   . DA  B 1 7  ? 6.520   -8.676  0.011   1.00 13.78 ? 17  DA  B OP2   1 
ATOM   349 O  "O5'" . DA  B 1 7  ? 8.682   -7.481  0.235   1.00 11.69 ? 17  DA  B "O5'" 1 
ATOM   350 C  "C5'" . DA  B 1 7  ? 10.062  -7.282  -0.018  1.00 11.84 ? 17  DA  B "C5'" 1 
ATOM   351 C  "C4'" . DA  B 1 7  ? 10.533  -6.049  0.704   1.00 13.69 ? 17  DA  B "C4'" 1 
ATOM   352 O  "O4'" . DA  B 1 7  ? 9.840   -4.878  0.225   1.00 12.92 ? 17  DA  B "O4'" 1 
ATOM   353 C  "C3'" . DA  B 1 7  ? 10.259  -6.050  2.201   1.00 13.88 ? 17  DA  B "C3'" 1 
ATOM   354 O  "O3'" . DA  B 1 7  ? 11.242  -6.807  2.900   1.00 16.86 ? 17  DA  B "O3'" 1 
ATOM   355 C  "C2'" . DA  B 1 7  ? 10.338  -4.575  2.536   1.00 14.24 ? 17  DA  B "C2'" 1 
ATOM   356 C  "C1'" . DA  B 1 7  ? 9.723   -3.928  1.298   1.00 10.66 ? 17  DA  B "C1'" 1 
ATOM   357 N  N9    . DA  B 1 7  ? 8.300   -3.687  1.527   1.00 10.35 ? 17  DA  B N9    1 
ATOM   358 C  C8    . DA  B 1 7  ? 7.238   -4.490  1.196   1.00 10.39 ? 17  DA  B C8    1 
ATOM   359 N  N7    . DA  B 1 7  ? 6.076   -4.024  1.590   1.00 10.61 ? 17  DA  B N7    1 
ATOM   360 C  C5    . DA  B 1 7  ? 6.396   -2.818  2.197   1.00 11.74 ? 17  DA  B C5    1 
ATOM   361 C  C6    . DA  B 1 7  ? 5.611   -1.826  2.795   1.00 9.87  ? 17  DA  B C6    1 
ATOM   362 N  N6    . DA  B 1 7  ? 4.277   -1.863  2.842   1.00 10.51 ? 17  DA  B N6    1 
ATOM   363 N  N1    . DA  B 1 7  ? 6.251   -0.767  3.341   1.00 9.05  ? 17  DA  B N1    1 
ATOM   364 C  C2    . DA  B 1 7  ? 7.572   -0.700  3.244   1.00 10.65 ? 17  DA  B C2    1 
ATOM   365 N  N3    . DA  B 1 7  ? 8.418   -1.551  2.670   1.00 11.09 ? 17  DA  B N3    1 
ATOM   366 C  C4    . DA  B 1 7  ? 7.760   -2.600  2.168   1.00 11.97 ? 17  DA  B C4    1 
ATOM   367 P  P     . DC  B 1 8  ? 10.816  -7.609  4.212   1.00 16.51 ? 18  DC  B P     1 
ATOM   368 O  OP1   . DC  B 1 8  ? 12.032  -8.375  4.641   1.00 18.34 ? 18  DC  B OP1   1 
ATOM   369 O  OP2   . DC  B 1 8  ? 9.524   -8.306  4.031   1.00 17.68 ? 18  DC  B OP2   1 
ATOM   370 O  "O5'" . DC  B 1 8  ? 10.554  -6.451  5.270   1.00 13.26 ? 18  DC  B "O5'" 1 
ATOM   371 C  "C5'" . DC  B 1 8  ? 11.642  -5.697  5.797   1.00 13.48 ? 18  DC  B "C5'" 1 
ATOM   372 C  "C4'" . DC  B 1 8  ? 11.123  -4.504  6.566   1.00 12.36 ? 18  DC  B "C4'" 1 
ATOM   373 O  "O4'" . DC  B 1 8  ? 10.315  -3.675  5.689   1.00 13.52 ? 18  DC  B "O4'" 1 
ATOM   374 C  "C3'" . DC  B 1 8  ? 10.187  -4.809  7.726   1.00 10.09 ? 18  DC  B "C3'" 1 
ATOM   375 O  "O3'" . DC  B 1 8  ? 10.843  -5.280  8.911   1.00 16.12 ? 18  DC  B "O3'" 1 
ATOM   376 C  "C2'" . DC  B 1 8  ? 9.494   -3.478  7.920   1.00 11.68 ? 18  DC  B "C2'" 1 
ATOM   377 C  "C1'" . DC  B 1 8  ? 9.324   -3.008  6.479   1.00 10.99 ? 18  DC  B "C1'" 1 
ATOM   378 N  N1    . DC  B 1 8  ? 7.990   -3.390  5.991   1.00 9.11  ? 18  DC  B N1    1 
ATOM   379 C  C2    . DC  B 1 8  ? 6.919   -2.529  6.274   1.00 11.71 ? 18  DC  B C2    1 
ATOM   380 O  O2    . DC  B 1 8  ? 7.155   -1.465  6.891   1.00 11.47 ? 18  DC  B O2    1 
ATOM   381 N  N3    . DC  B 1 8  ? 5.671   -2.876  5.893   1.00 11.07 ? 18  DC  B N3    1 
ATOM   382 C  C4    . DC  B 1 8  ? 5.461   -4.037  5.269   1.00 12.76 ? 18  DC  B C4    1 
ATOM   383 N  N4    . DC  B 1 8  ? 4.196   -4.367  4.958   1.00 12.92 ? 18  DC  B N4    1 
ATOM   384 C  C5    . DC  B 1 8  ? 6.536   -4.921  4.948   1.00 11.47 ? 18  DC  B C5    1 
ATOM   385 C  C6    . DC  B 1 8  ? 7.772   -4.558  5.320   1.00 9.43  ? 18  DC  B C6    1 
ATOM   386 P  P     . DG  B 1 9  ? 10.033  -6.252  9.917   1.00 17.94 ? 19  DG  B P     1 
ATOM   387 O  OP1   . DG  B 1 9  ? 11.006  -6.704  10.932  1.00 22.20 ? 19  DG  B OP1   1 
ATOM   388 O  OP2   . DG  B 1 9  ? 9.235   -7.248  9.175   1.00 20.45 ? 19  DG  B OP2   1 
ATOM   389 O  "O5'" . DG  B 1 9  ? 8.992   -5.267  10.616  1.00 16.02 ? 19  DG  B "O5'" 1 
ATOM   390 C  "C5'" . DG  B 1 9  ? 9.459   -4.156  11.380  1.00 13.34 ? 19  DG  B "C5'" 1 
ATOM   391 C  "C4'" . DG  B 1 9  ? 8.316   -3.230  11.738  1.00 9.68  ? 19  DG  B "C4'" 1 
ATOM   392 O  "O4'" . DG  B 1 9  ? 7.662   -2.788  10.530  1.00 9.75  ? 19  DG  B "O4'" 1 
ATOM   393 C  "C3'" . DG  B 1 9  ? 7.168   -3.760  12.594  1.00 9.73  ? 19  DG  B "C3'" 1 
ATOM   394 O  "O3'" . DG  B 1 9  ? 7.468   -3.749  13.987  1.00 12.50 ? 19  DG  B "O3'" 1 
ATOM   395 C  "C2'" . DG  B 1 9  ? 6.068   -2.756  12.288  1.00 8.77  ? 19  DG  B "C2'" 1 
ATOM   396 C  "C1'" . DG  B 1 9  ? 6.296   -2.494  10.810  1.00 6.77  ? 19  DG  B "C1'" 1 
ATOM   397 N  N9    . DG  B 1 9  ? 5.451   -3.318  9.942   1.00 9.60  ? 19  DG  B N9    1 
ATOM   398 C  C8    . DG  B 1 9  ? 5.809   -4.336  9.088   1.00 8.89  ? 19  DG  B C8    1 
ATOM   399 N  N7    . DG  B 1 9  ? 4.798   -4.810  8.413   1.00 8.65  ? 19  DG  B N7    1 
ATOM   400 C  C5    . DG  B 1 9  ? 3.706   -4.089  8.869   1.00 8.50  ? 19  DG  B C5    1 
ATOM   401 C  C6    . DG  B 1 9  ? 2.326   -4.151  8.508   1.00 9.96  ? 19  DG  B C6    1 
ATOM   402 O  O6    . DG  B 1 9  ? 1.776   -4.875  7.657   1.00 9.61  ? 19  DG  B O6    1 
ATOM   403 N  N1    . DG  B 1 9  ? 1.558   -3.237  9.250   1.00 9.87  ? 19  DG  B N1    1 
ATOM   404 C  C2    . DG  B 1 9  ? 2.065   -2.389  10.212  1.00 9.03  ? 19  DG  B C2    1 
ATOM   405 N  N2    . DG  B 1 9  ? 1.199   -1.610  10.861  1.00 6.46  ? 19  DG  B N2    1 
ATOM   406 N  N3    . DG  B 1 9  ? 3.343   -2.316  10.526  1.00 8.78  ? 19  DG  B N3    1 
ATOM   407 C  C4    . DG  B 1 9  ? 4.096   -3.177  9.826   1.00 8.43  ? 19  DG  B C4    1 
ATOM   408 P  P     . DC  B 1 10 ? 6.639   -4.710  14.978  1.00 13.90 ? 20  DC  B P     1 
ATOM   409 O  OP1   . DC  B 1 10 ? 7.263   -4.582  16.319  1.00 18.54 ? 20  DC  B OP1   1 
ATOM   410 O  OP2   . DC  B 1 10 ? 6.440   -6.037  14.378  1.00 13.81 ? 20  DC  B OP2   1 
ATOM   411 O  "O5'" . DC  B 1 10 ? 5.188   -4.035  14.998  1.00 12.88 ? 20  DC  B "O5'" 1 
ATOM   412 C  "C5'" . DC  B 1 10 ? 4.938   -2.764  15.600  1.00 12.10 ? 20  DC  B "C5'" 1 
ATOM   413 C  "C4'" . DC  B 1 10 ? 3.446   -2.552  15.753  1.00 12.04 ? 20  DC  B "C4'" 1 
ATOM   414 O  "O4'" . DC  B 1 10 ? 2.818   -2.363  14.463  1.00 13.53 ? 20  DC  B "O4'" 1 
ATOM   415 C  "C3'" . DC  B 1 10 ? 2.691   -3.731  16.370  1.00 12.45 ? 20  DC  B "C3'" 1 
ATOM   416 O  "O3'" . DC  B 1 10 ? 2.747   -3.793  17.798  1.00 16.65 ? 20  DC  B "O3'" 1 
ATOM   417 C  "C2'" . DC  B 1 10 ? 1.277   -3.511  15.869  1.00 9.71  ? 20  DC  B "C2'" 1 
ATOM   418 C  "C1'" . DC  B 1 10 ? 1.499   -2.931  14.484  1.00 12.90 ? 20  DC  B "C1'" 1 
ATOM   419 N  N1    . DC  B 1 10 ? 1.432   -3.957  13.431  1.00 10.99 ? 20  DC  B N1    1 
ATOM   420 C  C2    . DC  B 1 10 ? 0.210   -4.225  12.854  1.00 10.15 ? 20  DC  B C2    1 
ATOM   421 O  O2    . DC  B 1 10 ? -0.787  -3.653  13.289  1.00 8.55  ? 20  DC  B O2    1 
ATOM   422 N  N3    . DC  B 1 10 ? 0.133   -5.113  11.833  1.00 11.00 ? 20  DC  B N3    1 
ATOM   423 C  C4    . DC  B 1 10 ? 1.236   -5.728  11.404  1.00 10.02 ? 20  DC  B C4    1 
ATOM   424 N  N4    . DC  B 1 10 ? 1.124   -6.557  10.354  1.00 8.82  ? 20  DC  B N4    1 
ATOM   425 C  C5    . DC  B 1 10 ? 2.499   -5.510  12.013  1.00 10.36 ? 20  DC  B C5    1 
ATOM   426 C  C6    . DC  B 1 10 ? 2.555   -4.620  13.018  1.00 10.49 ? 20  DC  B C6    1 
HETATM 427 MG MG    . MG  C 2 .  ? -0.613  -1.463  2.707   1.00 20.56 ? 101 MG  A MG    1 
HETATM 428 N  N1    . SPM D 3 .  ? -7.537  -8.966  -6.591  1.00 16.10 ? 100 SPM B N1    1 
HETATM 429 C  C2    . SPM D 3 .  ? -8.903  -8.805  -6.024  1.00 16.77 ? 100 SPM B C2    1 
HETATM 430 C  C3    . SPM D 3 .  ? -8.923  -7.561  -5.167  1.00 16.12 ? 100 SPM B C3    1 
HETATM 431 C  C4    . SPM D 3 .  ? -10.291 -7.235  -4.649  1.00 19.26 ? 100 SPM B C4    1 
HETATM 432 N  N5    . SPM D 3 .  ? -10.242 -5.987  -3.904  1.00 18.92 ? 100 SPM B N5    1 
HETATM 433 C  C6    . SPM D 3 .  ? -11.537 -5.706  -3.308  1.00 23.59 ? 100 SPM B C6    1 
HETATM 434 C  C7    . SPM D 3 .  ? -11.386 -4.931  -2.013  1.00 27.25 ? 100 SPM B C7    1 
HETATM 435 C  C8    . SPM D 3 .  ? -12.642 -4.960  -1.141  1.00 31.01 ? 100 SPM B C8    1 
HETATM 436 C  C9    . SPM D 3 .  ? -13.103 -6.396  -0.792  1.00 34.12 ? 100 SPM B C9    1 
HETATM 437 N  N10   . SPM D 3 .  ? -14.043 -6.958  -1.778  1.00 37.26 ? 100 SPM B N10   1 
HETATM 438 C  C11   . SPM D 3 .  ? -15.185 -7.578  -1.096  1.00 37.35 ? 100 SPM B C11   1 
HETATM 439 C  C12   . SPM D 3 .  ? -16.459 -7.684  -1.947  1.00 37.24 ? 100 SPM B C12   1 
HETATM 440 C  C13   . SPM D 3 .  ? -17.634 -8.103  -1.062  1.00 37.97 ? 100 SPM B C13   1 
HETATM 441 N  N14   . SPM D 3 .  ? -18.947 -8.152  -1.769  1.00 39.42 ? 100 SPM B N14   1 
HETATM 442 O  O     . HOH E 4 .  ? 0.422   0.385   2.933   1.00 14.66 ? 102 HOH A O     1 
HETATM 443 O  O     . HOH E 4 .  ? -1.792  -3.123  2.490   1.00 24.47 ? 103 HOH A O     1 
HETATM 444 O  O     . HOH E 4 .  ? 0.900   -2.661  3.292   1.00 23.12 ? 104 HOH A O     1 
HETATM 445 O  O     . HOH E 4 .  ? -1.457  -1.229  4.562   1.00 18.99 ? 106 HOH A O     1 
HETATM 446 O  O     . HOH E 4 .  ? -7.854  5.173   -18.502 1.00 20.05 ? 109 HOH A O     1 
HETATM 447 O  O     . HOH E 4 .  ? 3.926   7.898   -2.961  1.00 20.94 ? 112 HOH A O     1 
HETATM 448 O  O     . HOH E 4 .  ? -2.295  -0.283  12.785  1.00 15.18 ? 113 HOH A O     1 
HETATM 449 O  O     . HOH E 4 .  ? 2.633   6.212   4.816   1.00 13.26 ? 115 HOH A O     1 
HETATM 450 O  O     . HOH E 4 .  ? 2.114   5.916   -4.044  1.00 20.12 ? 117 HOH A O     1 
HETATM 451 O  O     . HOH E 4 .  ? 5.818   9.929   9.359   1.00 10.91 ? 118 HOH A O     1 
HETATM 452 O  O     . HOH E 4 .  ? -7.961  0.124   -10.212 1.00 11.20 ? 119 HOH A O     1 
HETATM 453 O  O     . HOH E 4 .  ? -4.417  3.763   -18.918 1.00 17.09 ? 122 HOH A O     1 
HETATM 454 O  O     . HOH E 4 .  ? 3.806   10.306  3.569   1.00 21.43 ? 126 HOH A O     1 
HETATM 455 O  O     . HOH E 4 .  ? 0.196   7.044   -5.621  1.00 23.10 ? 127 HOH A O     1 
HETATM 456 O  O     . HOH E 4 .  ? 1.903   6.585   2.278   1.00 13.99 ? 128 HOH A O     1 
HETATM 457 O  O     . HOH E 4 .  ? 1.146   3.832   1.953   1.00 19.88 ? 129 HOH A O     1 
HETATM 458 O  O     . HOH E 4 .  ? -1.564  2.260   4.199   1.00 30.79 ? 130 HOH A O     1 
HETATM 459 O  O     . HOH E 4 .  ? -4.057  6.266   -13.073 1.00 27.19 ? 131 HOH A O     1 
HETATM 460 O  O     . HOH E 4 .  ? -7.298  -2.333  11.654  1.00 19.73 ? 132 HOH A O     1 
HETATM 461 O  O     . HOH E 4 .  ? -0.086  3.620   -0.537  1.00 21.31 ? 134 HOH A O     1 
HETATM 462 O  O     . HOH E 4 .  ? -5.215  5.880   11.286  1.00 22.34 ? 135 HOH A O     1 
HETATM 463 O  O     . HOH E 4 .  ? 9.702   2.306   0.451   1.00 16.17 ? 138 HOH A O     1 
HETATM 464 O  O     A HOH E 4 .  ? -2.217  -5.053  4.276   0.70 22.23 ? 139 HOH A O     1 
HETATM 465 O  O     B HOH E 4 .  ? -2.802  -6.966  4.891   0.30 9.86  ? 139 HOH A O     1 
HETATM 466 O  O     . HOH E 4 .  ? -10.359 3.896   -17.614 1.00 10.47 ? 141 HOH A O     1 
HETATM 467 O  O     . HOH E 4 .  ? 2.389   3.028   -17.245 1.00 33.67 ? 143 HOH A O     1 
HETATM 468 O  O     . HOH E 4 .  ? -8.501  2.143   6.005   1.00 38.92 ? 148 HOH A O     1 
HETATM 469 O  O     . HOH E 4 .  ? -11.011 -0.843  4.525   1.00 33.12 ? 149 HOH A O     1 
HETATM 470 O  O     . HOH E 4 .  ? 2.145   9.748   7.536   1.00 44.26 ? 150 HOH A O     1 
HETATM 471 O  O     . HOH E 4 .  ? 0.090   -8.184  6.876   1.00 46.51 ? 151 HOH A O     1 
HETATM 472 O  O     . HOH E 4 .  ? 3.406   8.663   1.161   1.00 18.52 ? 159 HOH A O     1 
HETATM 473 O  O     . HOH E 4 .  ? 7.421   4.047   -13.251 1.00 42.83 ? 161 HOH A O     1 
HETATM 474 O  O     . HOH E 4 .  ? 7.188   -0.953  -5.077  1.00 19.09 ? 164 HOH A O     1 
HETATM 475 O  O     . HOH E 4 .  ? -0.612  8.166   2.657   1.00 35.63 ? 165 HOH A O     1 
HETATM 476 O  O     . HOH E 4 .  ? -0.189  5.160   -2.249  1.00 23.64 ? 166 HOH A O     1 
HETATM 477 O  O     . HOH E 4 .  ? 1.172   -5.188  2.958   1.00 20.05 ? 167 HOH A O     1 
HETATM 478 O  O     . HOH E 4 .  ? -9.792  1.221   -17.794 1.00 39.64 ? 168 HOH A O     1 
HETATM 479 O  O     . HOH E 4 .  ? -1.903  2.058   12.495  1.00 19.13 ? 169 HOH A O     1 
HETATM 480 O  O     . HOH E 4 .  ? -8.744  -1.061  -12.654 1.00 25.13 ? 170 HOH A O     1 
HETATM 481 O  O     . HOH E 4 .  ? -1.937  6.586   -9.231  1.00 23.65 ? 173 HOH A O     1 
HETATM 482 O  O     . HOH E 4 .  ? -0.124  8.523   11.015  1.00 39.79 ? 174 HOH A O     1 
HETATM 483 O  O     . HOH E 4 .  ? -3.241  1.151   5.820   1.00 23.11 ? 175 HOH A O     1 
HETATM 484 O  O     . HOH E 4 .  ? -4.394  -0.641  4.344   1.00 20.76 ? 176 HOH A O     1 
HETATM 485 O  O     . HOH E 4 .  ? -7.734  7.232   -19.444 1.00 18.94 ? 180 HOH A O     1 
HETATM 486 O  O     . HOH E 4 .  ? -5.975  -4.143  3.353   1.00 36.01 ? 182 HOH A O     1 
HETATM 487 O  O     . HOH E 4 .  ? -5.614  3.512   4.668   1.00 45.60 ? 183 HOH A O     1 
HETATM 488 O  O     . HOH E 4 .  ? -1.511  5.565   5.437   1.00 34.63 ? 184 HOH A O     1 
HETATM 489 O  O     . HOH E 4 .  ? -8.369  3.701   7.895   1.00 35.75 ? 189 HOH A O     1 
HETATM 490 O  O     . HOH E 4 .  ? 12.285  5.463   -2.294  1.00 36.15 ? 191 HOH A O     1 
HETATM 491 O  O     . HOH E 4 .  ? -4.002  7.975   -10.830 1.00 28.07 ? 192 HOH A O     1 
HETATM 492 O  O     . HOH E 4 .  ? -3.552  7.552   -6.814  1.00 36.40 ? 193 HOH A O     1 
HETATM 493 O  O     . HOH E 4 .  ? -3.256  4.991   12.543  1.00 37.61 ? 194 HOH A O     1 
HETATM 494 O  O     A HOH E 4 .  ? 2.156   11.076  10.018  0.70 18.32 ? 196 HOH A O     1 
HETATM 495 O  O     B HOH E 4 .  ? 2.937   9.432   10.595  0.30 15.29 ? 196 HOH A O     1 
HETATM 496 O  O     . HOH E 4 .  ? 0.500   9.387   5.633   1.00 43.88 ? 197 HOH A O     1 
HETATM 497 O  O     . HOH E 4 .  ? 3.677   6.482   -14.352 1.00 40.07 ? 205 HOH A O     1 
HETATM 498 O  O     . HOH E 4 .  ? 11.161  7.610   -7.839  1.00 42.07 ? 207 HOH A O     1 
HETATM 499 O  O     . HOH E 4 .  ? -10.382 -1.192  -14.656 1.00 32.32 ? 210 HOH A O     1 
HETATM 500 O  O     . HOH E 4 .  ? -7.540  1.394   3.428   1.00 35.83 ? 214 HOH A O     1 
HETATM 501 O  O     . HOH E 4 .  ? 9.625   5.384   -10.950 1.00 38.19 ? 215 HOH A O     1 
HETATM 502 O  O     . HOH F 4 .  ? -2.203  -0.223  1.666   1.00 26.51 ? 105 HOH B O     1 
HETATM 503 O  O     . HOH F 4 .  ? 0.081   -1.751  0.900   1.00 23.66 ? 107 HOH B O     1 
HETATM 504 O  O     . HOH F 4 .  ? 3.887   -5.788  1.923   1.00 12.18 ? 108 HOH B O     1 
HETATM 505 O  O     . HOH F 4 .  ? -1.906  -1.679  14.993  1.00 12.31 ? 110 HOH B O     1 
HETATM 506 O  O     . HOH F 4 .  ? -7.336  -1.420  -8.243  1.00 10.12 ? 111 HOH B O     1 
HETATM 507 O  O     . HOH F 4 .  ? -8.373  4.585   0.416   1.00 20.50 ? 114 HOH B O     1 
HETATM 508 O  O     . HOH F 4 .  ? 3.951   -7.881  0.162   1.00 17.75 ? 116 HOH B O     1 
HETATM 509 O  O     . HOH F 4 .  ? -15.124 0.894   0.823   1.00 13.96 ? 120 HOH B O     1 
HETATM 510 O  O     . HOH F 4 .  ? 13.514  -4.495  11.885  1.00 44.48 ? 121 HOH B O     1 
HETATM 511 O  O     . HOH F 4 .  ? -1.806  -2.299  -1.024  1.00 19.60 ? 123 HOH B O     1 
HETATM 512 O  O     . HOH F 4 .  ? 7.735   -8.112  6.639   1.00 30.97 ? 124 HOH B O     1 
HETATM 513 O  O     . HOH F 4 .  ? -6.867  -1.294  0.130   1.00 25.12 ? 125 HOH B O     1 
HETATM 514 O  O     . HOH F 4 .  ? -3.051  5.540   -3.405  1.00 19.83 ? 133 HOH B O     1 
HETATM 515 O  O     . HOH F 4 .  ? 6.889   -8.170  2.927   1.00 19.34 ? 136 HOH B O     1 
HETATM 516 O  O     . HOH F 4 .  ? 5.484   -4.744  18.394  1.00 20.83 ? 137 HOH B O     1 
HETATM 517 O  O     . HOH F 4 .  ? -5.379  9.661   -6.320  1.00 35.78 ? 140 HOH B O     1 
HETATM 518 O  O     A HOH F 4 .  ? 1.782   -6.393  5.448   0.70 19.14 ? 142 HOH B O     1 
HETATM 519 O  O     B HOH F 4 .  ? 0.355   -6.864  4.370   0.30 15.06 ? 142 HOH B O     1 
HETATM 520 O  O     . HOH F 4 .  ? -5.319  4.057   -1.527  1.00 20.27 ? 144 HOH B O     1 
HETATM 521 O  O     . HOH F 4 .  ? -9.313  -1.286  1.618   1.00 28.89 ? 145 HOH B O     1 
HETATM 522 O  O     . HOH F 4 .  ? -13.965 2.758   2.604   1.00 25.10 ? 146 HOH B O     1 
HETATM 523 O  O     A HOH F 4 .  ? -11.316 1.733   2.691   0.80 16.29 ? 147 HOH B O     1 
HETATM 524 O  O     B HOH F 4 .  ? -9.853  2.964   3.358   0.20 8.01  ? 147 HOH B O     1 
HETATM 525 O  O     . HOH F 4 .  ? -8.618  2.217   -0.568  1.00 17.78 ? 152 HOH B O     1 
HETATM 526 O  O     . HOH F 4 .  ? -1.881  1.645   -0.342  1.00 21.57 ? 153 HOH B O     1 
HETATM 527 O  O     . HOH F 4 .  ? 12.664  -1.868  1.099   1.00 27.58 ? 154 HOH B O     1 
HETATM 528 O  O     . HOH F 4 .  ? 5.233   -7.207  11.995  1.00 20.57 ? 155 HOH B O     1 
HETATM 529 O  O     . HOH F 4 .  ? 4.971   -7.431  7.213   1.00 18.17 ? 156 HOH B O     1 
HETATM 530 O  O     . HOH F 4 .  ? -6.073  -9.009  -4.593  1.00 20.29 ? 157 HOH B O     1 
HETATM 531 O  O     . HOH F 4 .  ? 11.312  -1.547  3.299   1.00 19.60 ? 158 HOH B O     1 
HETATM 532 O  O     . HOH F 4 .  ? 9.419   -1.121  -1.648  1.00 30.73 ? 160 HOH B O     1 
HETATM 533 O  O     . HOH F 4 .  ? -6.063  6.117   0.047   1.00 36.13 ? 162 HOH B O     1 
HETATM 534 O  O     . HOH F 4 .  ? 8.607   -7.213  16.643  1.00 28.42 ? 163 HOH B O     1 
HETATM 535 O  O     . HOH F 4 .  ? 5.769   -10.573 8.881   1.00 21.13 ? 171 HOH B O     1 
HETATM 536 O  O     . HOH F 4 .  ? -6.427  1.035   0.438   1.00 22.82 ? 172 HOH B O     1 
HETATM 537 O  O     . HOH F 4 .  ? -4.044  -4.016  -1.190  1.00 19.39 ? 177 HOH B O     1 
HETATM 538 O  O     . HOH F 4 .  ? 6.536   -8.077  9.756   1.00 21.22 ? 178 HOH B O     1 
HETATM 539 O  O     . HOH F 4 .  ? 4.414   -7.751  4.314   1.00 26.61 ? 179 HOH B O     1 
HETATM 540 O  O     . HOH F 4 .  ? 9.766   -1.239  -4.176  1.00 34.06 ? 181 HOH B O     1 
HETATM 541 O  O     . HOH F 4 .  ? -13.197 -2.593  1.717   1.00 29.12 ? 185 HOH B O     1 
HETATM 542 O  O     . HOH F 4 .  ? 2.772   -12.445 -2.070  1.00 44.62 ? 186 HOH B O     1 
HETATM 543 O  O     . HOH F 4 .  ? -4.657  -0.859  1.619   1.00 34.32 ? 187 HOH B O     1 
HETATM 544 O  O     A HOH F 4 .  ? 2.870   -9.766  2.204   0.70 25.95 ? 188 HOH B O     1 
HETATM 545 O  O     B HOH F 4 .  ? 2.142   -8.256  2.395   0.30 18.98 ? 188 HOH B O     1 
HETATM 546 O  O     . HOH F 4 .  ? -2.781  -10.155 -6.791  1.00 39.87 ? 190 HOH B O     1 
HETATM 547 O  O     . HOH F 4 .  ? -15.957 5.700   1.402   1.00 42.29 ? 195 HOH B O     1 
HETATM 548 O  O     . HOH F 4 .  ? 1.098   -10.931 9.348   1.00 34.67 ? 198 HOH B O     1 
HETATM 549 O  O     . HOH F 4 .  ? 3.314   -8.270  9.473   1.00 26.95 ? 199 HOH B O     1 
HETATM 550 O  O     . HOH F 4 .  ? 14.059  -4.191  0.810   1.00 39.34 ? 200 HOH B O     1 
HETATM 551 O  O     . HOH F 4 .  ? 11.966  -2.450  -1.650  1.00 39.13 ? 201 HOH B O     1 
HETATM 552 O  O     A HOH F 4 .  ? -3.977  -7.228  1.018   0.70 25.12 ? 202 HOH B O     1 
HETATM 553 O  O     B HOH F 4 .  ? -4.664  -7.723  -0.335  0.30 15.55 ? 202 HOH B O     1 
HETATM 554 O  O     . HOH F 4 .  ? 12.252  -9.968  -3.795  1.00 43.01 ? 203 HOH B O     1 
HETATM 555 O  O     . HOH F 4 .  ? -7.169  -7.437  -0.978  1.00 40.64 ? 204 HOH B O     1 
HETATM 556 O  O     . HOH F 4 .  ? -5.544  8.160   -2.510  1.00 29.08 ? 206 HOH B O     1 
HETATM 557 O  O     . HOH F 4 .  ? 8.466   -2.752  17.509  1.00 43.29 ? 208 HOH B O     1 
HETATM 558 O  O     . HOH F 4 .  ? 10.785  -3.275  18.654  1.00 42.70 ? 209 HOH B O     1 
HETATM 559 O  O     . HOH F 4 .  ? 12.751  -1.235  -4.464  1.00 26.66 ? 211 HOH B O     1 
HETATM 560 O  O     . HOH F 4 .  ? -5.899  10.703  -3.938  1.00 37.41 ? 212 HOH B O     1 
HETATM 561 O  O     . HOH F 4 .  ? 13.966  -2.859  -2.888  1.00 42.85 ? 213 HOH B O     1 
# 
loop_
_pdbx_poly_seq_scheme.asym_id 
_pdbx_poly_seq_scheme.entity_id 
_pdbx_poly_seq_scheme.seq_id 
_pdbx_poly_seq_scheme.mon_id 
_pdbx_poly_seq_scheme.ndb_seq_num 
_pdbx_poly_seq_scheme.pdb_seq_num 
_pdbx_poly_seq_scheme.auth_seq_num 
_pdbx_poly_seq_scheme.pdb_mon_id 
_pdbx_poly_seq_scheme.auth_mon_id 
_pdbx_poly_seq_scheme.pdb_strand_id 
_pdbx_poly_seq_scheme.pdb_ins_code 
_pdbx_poly_seq_scheme.hetero 
A 1 1  DG  1  1  1  DG  G   A . n 
A 1 2  DC  2  2  2  DC  C   A . n 
A 1 3  DG  3  3  3  DG  G   A . n 
A 1 4  DT  4  4  4  DT  T   A . n 
A 1 5  DA  5  5  5  DA  A   A . n 
A 1 6  EIT 6  6  6  EIT IMI A . n 
A 1 7  DA  7  7  7  DA  A   A . n 
A 1 8  DC  8  8  8  DC  C   A . n 
A 1 9  DG  9  9  9  DG  G   A . n 
A 1 10 DC  10 10 10 DC  C   A . n 
B 1 1  DG  1  11 11 DG  G   B . n 
B 1 2  DC  2  12 12 DC  C   B . n 
B 1 3  DG  3  13 13 DG  G   B . n 
B 1 4  DT  4  14 14 DT  T   B . n 
B 1 5  DA  5  15 15 DA  A   B . n 
B 1 6  EIT 6  16 16 EIT IMI B . n 
B 1 7  DA  7  17 17 DA  A   B . n 
B 1 8  DC  8  18 18 DC  C   B . n 
B 1 9  DG  9  19 19 DG  G   B . n 
B 1 10 DC  10 20 20 DC  C   B . n 
# 
loop_
_pdbx_nonpoly_scheme.asym_id 
_pdbx_nonpoly_scheme.entity_id 
_pdbx_nonpoly_scheme.mon_id 
_pdbx_nonpoly_scheme.ndb_seq_num 
_pdbx_nonpoly_scheme.pdb_seq_num 
_pdbx_nonpoly_scheme.auth_seq_num 
_pdbx_nonpoly_scheme.pdb_mon_id 
_pdbx_nonpoly_scheme.auth_mon_id 
_pdbx_nonpoly_scheme.pdb_strand_id 
_pdbx_nonpoly_scheme.pdb_ins_code 
C 2 MG  1  101 101 MG  MG  A . 
D 3 SPM 1  100 100 SPM SPM B . 
E 4 HOH 1  102 102 HOH HOH A . 
E 4 HOH 2  103 103 HOH HOH A . 
E 4 HOH 3  104 104 HOH HOH A . 
E 4 HOH 4  106 106 HOH HOH A . 
E 4 HOH 5  109 109 HOH HOH A . 
E 4 HOH 6  112 112 HOH HOH A . 
E 4 HOH 7  113 113 HOH HOH A . 
E 4 HOH 8  115 115 HOH HOH A . 
E 4 HOH 9  117 117 HOH HOH A . 
E 4 HOH 10 118 118 HOH HOH A . 
E 4 HOH 11 119 119 HOH HOH A . 
E 4 HOH 12 122 122 HOH HOH A . 
E 4 HOH 13 126 126 HOH HOH A . 
E 4 HOH 14 127 127 HOH HOH A . 
E 4 HOH 15 128 128 HOH HOH A . 
E 4 HOH 16 129 129 HOH HOH A . 
E 4 HOH 17 130 130 HOH HOH A . 
E 4 HOH 18 131 131 HOH HOH A . 
E 4 HOH 19 132 132 HOH HOH A . 
E 4 HOH 20 134 134 HOH HOH A . 
E 4 HOH 21 135 135 HOH HOH A . 
E 4 HOH 22 138 138 HOH HOH A . 
E 4 HOH 23 139 139 HOH HOH A . 
E 4 HOH 24 141 141 HOH HOH A . 
E 4 HOH 25 143 143 HOH HOH A . 
E 4 HOH 26 148 148 HOH HOH A . 
E 4 HOH 27 149 149 HOH HOH A . 
E 4 HOH 28 150 150 HOH HOH A . 
E 4 HOH 29 151 151 HOH HOH A . 
E 4 HOH 30 159 159 HOH HOH A . 
E 4 HOH 31 161 161 HOH HOH A . 
E 4 HOH 32 164 164 HOH HOH A . 
E 4 HOH 33 165 165 HOH HOH A . 
E 4 HOH 34 166 166 HOH HOH A . 
E 4 HOH 35 167 167 HOH HOH A . 
E 4 HOH 36 168 168 HOH HOH A . 
E 4 HOH 37 169 169 HOH HOH A . 
E 4 HOH 38 170 170 HOH HOH A . 
E 4 HOH 39 173 173 HOH HOH A . 
E 4 HOH 40 174 174 HOH HOH A . 
E 4 HOH 41 175 175 HOH HOH A . 
E 4 HOH 42 176 176 HOH HOH A . 
E 4 HOH 43 180 180 HOH HOH A . 
E 4 HOH 44 182 182 HOH HOH A . 
E 4 HOH 45 183 183 HOH HOH A . 
E 4 HOH 46 184 184 HOH HOH A . 
E 4 HOH 47 189 189 HOH HOH A . 
E 4 HOH 48 191 191 HOH HOH A . 
E 4 HOH 49 192 192 HOH HOH A . 
E 4 HOH 50 193 193 HOH HOH A . 
E 4 HOH 51 194 194 HOH HOH A . 
E 4 HOH 52 196 196 HOH HOH A . 
E 4 HOH 53 197 197 HOH HOH A . 
E 4 HOH 54 205 205 HOH HOH A . 
E 4 HOH 55 207 207 HOH HOH A . 
E 4 HOH 56 210 210 HOH HOH A . 
E 4 HOH 57 214 214 HOH HOH A . 
E 4 HOH 58 215 215 HOH HOH A . 
F 4 HOH 1  105 105 HOH HOH B . 
F 4 HOH 2  107 107 HOH HOH B . 
F 4 HOH 3  108 108 HOH HOH B . 
F 4 HOH 4  110 110 HOH HOH B . 
F 4 HOH 5  111 111 HOH HOH B . 
F 4 HOH 6  114 114 HOH HOH B . 
F 4 HOH 7  116 116 HOH HOH B . 
F 4 HOH 8  120 120 HOH HOH B . 
F 4 HOH 9  121 121 HOH HOH B . 
F 4 HOH 10 123 123 HOH HOH B . 
F 4 HOH 11 124 124 HOH HOH B . 
F 4 HOH 12 125 125 HOH HOH B . 
F 4 HOH 13 133 133 HOH HOH B . 
F 4 HOH 14 136 136 HOH HOH B . 
F 4 HOH 15 137 137 HOH HOH B . 
F 4 HOH 16 140 140 HOH HOH B . 
F 4 HOH 17 142 142 HOH HOH B . 
F 4 HOH 18 144 144 HOH HOH B . 
F 4 HOH 19 145 145 HOH HOH B . 
F 4 HOH 20 146 146 HOH HOH B . 
F 4 HOH 21 147 147 HOH HOH B . 
F 4 HOH 22 152 152 HOH HOH B . 
F 4 HOH 23 153 153 HOH HOH B . 
F 4 HOH 24 154 154 HOH HOH B . 
F 4 HOH 25 155 155 HOH HOH B . 
F 4 HOH 26 156 156 HOH HOH B . 
F 4 HOH 27 157 157 HOH HOH B . 
F 4 HOH 28 158 158 HOH HOH B . 
F 4 HOH 29 160 160 HOH HOH B . 
F 4 HOH 30 162 162 HOH HOH B . 
F 4 HOH 31 163 163 HOH HOH B . 
F 4 HOH 32 171 171 HOH HOH B . 
F 4 HOH 33 172 172 HOH HOH B . 
F 4 HOH 34 177 177 HOH HOH B . 
F 4 HOH 35 178 178 HOH HOH B . 
F 4 HOH 36 179 179 HOH HOH B . 
F 4 HOH 37 181 181 HOH HOH B . 
F 4 HOH 38 185 185 HOH HOH B . 
F 4 HOH 39 186 186 HOH HOH B . 
F 4 HOH 40 187 187 HOH HOH B . 
F 4 HOH 41 188 188 HOH HOH B . 
F 4 HOH 42 190 190 HOH HOH B . 
F 4 HOH 43 195 195 HOH HOH B . 
F 4 HOH 44 198 198 HOH HOH B . 
F 4 HOH 45 199 199 HOH HOH B . 
F 4 HOH 46 200 200 HOH HOH B . 
F 4 HOH 47 201 201 HOH HOH B . 
F 4 HOH 48 202 202 HOH HOH B . 
F 4 HOH 49 203 203 HOH HOH B . 
F 4 HOH 50 204 204 HOH HOH B . 
F 4 HOH 51 206 206 HOH HOH B . 
F 4 HOH 52 208 208 HOH HOH B . 
F 4 HOH 53 209 209 HOH HOH B . 
F 4 HOH 54 211 211 HOH HOH B . 
F 4 HOH 55 212 212 HOH HOH B . 
F 4 HOH 56 213 213 HOH HOH B . 
# 
loop_
_pdbx_struct_mod_residue.id 
_pdbx_struct_mod_residue.label_asym_id 
_pdbx_struct_mod_residue.label_comp_id 
_pdbx_struct_mod_residue.label_seq_id 
_pdbx_struct_mod_residue.auth_asym_id 
_pdbx_struct_mod_residue.auth_comp_id 
_pdbx_struct_mod_residue.auth_seq_id 
_pdbx_struct_mod_residue.PDB_ins_code 
_pdbx_struct_mod_residue.parent_comp_id 
_pdbx_struct_mod_residue.details 
1 A EIT 6 A EIT 6  ? DT ? 
2 B EIT 6 B EIT 16 ? DT ? 
# 
_pdbx_struct_assembly.id                   1 
_pdbx_struct_assembly.details              author_defined_assembly 
_pdbx_struct_assembly.method_details       ? 
_pdbx_struct_assembly.oligomeric_details   dimeric 
_pdbx_struct_assembly.oligomeric_count     2 
# 
_pdbx_struct_assembly_gen.assembly_id       1 
_pdbx_struct_assembly_gen.oper_expression   1 
_pdbx_struct_assembly_gen.asym_id_list      A,B,C,D,E,F 
# 
_pdbx_struct_oper_list.id                   1 
_pdbx_struct_oper_list.type                 'identity operation' 
_pdbx_struct_oper_list.name                 1_555 
_pdbx_struct_oper_list.symmetry_operation   x,y,z 
_pdbx_struct_oper_list.matrix[1][1]         1.0000000000 
_pdbx_struct_oper_list.matrix[1][2]         0.0000000000 
_pdbx_struct_oper_list.matrix[1][3]         0.0000000000 
_pdbx_struct_oper_list.vector[1]            0.0000000000 
_pdbx_struct_oper_list.matrix[2][1]         0.0000000000 
_pdbx_struct_oper_list.matrix[2][2]         1.0000000000 
_pdbx_struct_oper_list.matrix[2][3]         0.0000000000 
_pdbx_struct_oper_list.vector[2]            0.0000000000 
_pdbx_struct_oper_list.matrix[3][1]         0.0000000000 
_pdbx_struct_oper_list.matrix[3][2]         0.0000000000 
_pdbx_struct_oper_list.matrix[3][3]         1.0000000000 
_pdbx_struct_oper_list.vector[3]            0.0000000000 
# 
loop_
_pdbx_struct_conn_angle.id 
_pdbx_struct_conn_angle.ptnr1_label_atom_id 
_pdbx_struct_conn_angle.ptnr1_label_alt_id 
_pdbx_struct_conn_angle.ptnr1_label_asym_id 
_pdbx_struct_conn_angle.ptnr1_label_comp_id 
_pdbx_struct_conn_angle.ptnr1_label_seq_id 
_pdbx_struct_conn_angle.ptnr1_auth_atom_id 
_pdbx_struct_conn_angle.ptnr1_auth_asym_id 
_pdbx_struct_conn_angle.ptnr1_auth_comp_id 
_pdbx_struct_conn_angle.ptnr1_auth_seq_id 
_pdbx_struct_conn_angle.ptnr1_PDB_ins_code 
_pdbx_struct_conn_angle.ptnr1_symmetry 
_pdbx_struct_conn_angle.ptnr2_label_atom_id 
_pdbx_struct_conn_angle.ptnr2_label_alt_id 
_pdbx_struct_conn_angle.ptnr2_label_asym_id 
_pdbx_struct_conn_angle.ptnr2_label_comp_id 
_pdbx_struct_conn_angle.ptnr2_label_seq_id 
_pdbx_struct_conn_angle.ptnr2_auth_atom_id 
_pdbx_struct_conn_angle.ptnr2_auth_asym_id 
_pdbx_struct_conn_angle.ptnr2_auth_comp_id 
_pdbx_struct_conn_angle.ptnr2_auth_seq_id 
_pdbx_struct_conn_angle.ptnr2_PDB_ins_code 
_pdbx_struct_conn_angle.ptnr2_symmetry 
_pdbx_struct_conn_angle.ptnr3_label_atom_id 
_pdbx_struct_conn_angle.ptnr3_label_alt_id 
_pdbx_struct_conn_angle.ptnr3_label_asym_id 
_pdbx_struct_conn_angle.ptnr3_label_comp_id 
_pdbx_struct_conn_angle.ptnr3_label_seq_id 
_pdbx_struct_conn_angle.ptnr3_auth_atom_id 
_pdbx_struct_conn_angle.ptnr3_auth_asym_id 
_pdbx_struct_conn_angle.ptnr3_auth_comp_id 
_pdbx_struct_conn_angle.ptnr3_auth_seq_id 
_pdbx_struct_conn_angle.ptnr3_PDB_ins_code 
_pdbx_struct_conn_angle.ptnr3_symmetry 
_pdbx_struct_conn_angle.value 
_pdbx_struct_conn_angle.value_esd 
1  O ? E HOH . ? A HOH 102 ? 1_555 MG ? C MG . ? A MG 101 ? 1_555 O ? E HOH . ? A HOH 103 ? 1_555 173.9 ? 
2  O ? E HOH . ? A HOH 102 ? 1_555 MG ? C MG . ? A MG 101 ? 1_555 O ? E HOH . ? A HOH 104 ? 1_555 96.9  ? 
3  O ? E HOH . ? A HOH 103 ? 1_555 MG ? C MG . ? A MG 101 ? 1_555 O ? E HOH . ? A HOH 104 ? 1_555 88.9  ? 
4  O ? E HOH . ? A HOH 102 ? 1_555 MG ? C MG . ? A MG 101 ? 1_555 O ? E HOH . ? A HOH 106 ? 1_555 90.3  ? 
5  O ? E HOH . ? A HOH 103 ? 1_555 MG ? C MG . ? A MG 101 ? 1_555 O ? E HOH . ? A HOH 106 ? 1_555 87.2  ? 
6  O ? E HOH . ? A HOH 104 ? 1_555 MG ? C MG . ? A MG 101 ? 1_555 O ? E HOH . ? A HOH 106 ? 1_555 96.5  ? 
7  O ? E HOH . ? A HOH 102 ? 1_555 MG ? C MG . ? A MG 101 ? 1_555 O ? F HOH . ? B HOH 105 ? 1_555 85.1  ? 
8  O ? E HOH . ? A HOH 103 ? 1_555 MG ? C MG . ? A MG 101 ? 1_555 O ? F HOH . ? B HOH 105 ? 1_555 89.5  ? 
9  O ? E HOH . ? A HOH 104 ? 1_555 MG ? C MG . ? A MG 101 ? 1_555 O ? F HOH . ? B HOH 105 ? 1_555 169.6 ? 
10 O ? E HOH . ? A HOH 106 ? 1_555 MG ? C MG . ? A MG 101 ? 1_555 O ? F HOH . ? B HOH 105 ? 1_555 93.7  ? 
11 O ? E HOH . ? A HOH 102 ? 1_555 MG ? C MG . ? A MG 101 ? 1_555 O ? F HOH . ? B HOH 107 ? 1_555 93.1  ? 
12 O ? E HOH . ? A HOH 103 ? 1_555 MG ? C MG . ? A MG 101 ? 1_555 O ? F HOH . ? B HOH 107 ? 1_555 89.3  ? 
13 O ? E HOH . ? A HOH 104 ? 1_555 MG ? C MG . ? A MG 101 ? 1_555 O ? F HOH . ? B HOH 107 ? 1_555 85.1  ? 
14 O ? E HOH . ? A HOH 106 ? 1_555 MG ? C MG . ? A MG 101 ? 1_555 O ? F HOH . ? B HOH 107 ? 1_555 176.1 ? 
15 O ? F HOH . ? B HOH 105 ? 1_555 MG ? C MG . ? A MG 101 ? 1_555 O ? F HOH . ? B HOH 107 ? 1_555 84.6  ? 
# 
loop_
_pdbx_audit_revision_history.ordinal 
_pdbx_audit_revision_history.data_content_type 
_pdbx_audit_revision_history.major_revision 
_pdbx_audit_revision_history.minor_revision 
_pdbx_audit_revision_history.revision_date 
1 'Structure model' 1 0 2005-06-28 
2 'Structure model' 1 1 2008-04-30 
3 'Structure model' 1 2 2011-07-13 
4 'Structure model' 1 3 2023-08-23 
# 
_pdbx_audit_revision_details.ordinal             1 
_pdbx_audit_revision_details.revision_ordinal    1 
_pdbx_audit_revision_details.data_content_type   'Structure model' 
_pdbx_audit_revision_details.provider            repository 
_pdbx_audit_revision_details.type                'Initial release' 
_pdbx_audit_revision_details.description         ? 
_pdbx_audit_revision_details.details             ? 
# 
loop_
_pdbx_audit_revision_group.ordinal 
_pdbx_audit_revision_group.revision_ordinal 
_pdbx_audit_revision_group.data_content_type 
_pdbx_audit_revision_group.group 
1 2 'Structure model' 'Version format compliance' 
2 3 'Structure model' 'Version format compliance' 
3 4 'Structure model' 'Data collection'           
4 4 'Structure model' 'Database references'       
5 4 'Structure model' 'Derived calculations'      
6 4 'Structure model' 'Refinement description'    
# 
loop_
_pdbx_audit_revision_category.ordinal 
_pdbx_audit_revision_category.revision_ordinal 
_pdbx_audit_revision_category.data_content_type 
_pdbx_audit_revision_category.category 
1 4 'Structure model' chem_comp_atom                
2 4 'Structure model' chem_comp_bond                
3 4 'Structure model' database_2                    
4 4 'Structure model' pdbx_initial_refinement_model 
5 4 'Structure model' pdbx_struct_conn_angle        
6 4 'Structure model' struct_conn                   
7 4 'Structure model' struct_site                   
# 
loop_
_pdbx_audit_revision_item.ordinal 
_pdbx_audit_revision_item.revision_ordinal 
_pdbx_audit_revision_item.data_content_type 
_pdbx_audit_revision_item.item 
1  4 'Structure model' '_database_2.pdbx_DOI'                      
2  4 'Structure model' '_database_2.pdbx_database_accession'       
3  4 'Structure model' '_pdbx_struct_conn_angle.ptnr1_auth_seq_id' 
4  4 'Structure model' '_pdbx_struct_conn_angle.ptnr3_auth_seq_id' 
5  4 'Structure model' '_pdbx_struct_conn_angle.value'             
6  4 'Structure model' '_struct_conn.pdbx_dist_value'              
7  4 'Structure model' '_struct_conn.pdbx_leaving_atom_flag'       
8  4 'Structure model' '_struct_conn.ptnr2_auth_seq_id'            
9  4 'Structure model' '_struct_site.pdbx_auth_asym_id'            
10 4 'Structure model' '_struct_site.pdbx_auth_comp_id'            
11 4 'Structure model' '_struct_site.pdbx_auth_seq_id'             
# 
loop_
_software.name 
_software.classification 
_software.version 
_software.citation_id 
_software.pdbx_ordinal 
DENZO     'data reduction' . ? 1 
SCALEPACK 'data scaling'   . ? 2 
AMoRE     phasing          . ? 3 
CNS       refinement       . ? 4 
# 
loop_
_pdbx_validate_planes.id 
_pdbx_validate_planes.PDB_model_num 
_pdbx_validate_planes.auth_comp_id 
_pdbx_validate_planes.auth_asym_id 
_pdbx_validate_planes.auth_seq_id 
_pdbx_validate_planes.PDB_ins_code 
_pdbx_validate_planes.label_alt_id 
_pdbx_validate_planes.rmsd 
_pdbx_validate_planes.type 
1 1 DG B 11 ? ? 0.055 'SIDE CHAIN' 
2 1 DC B 12 ? ? 0.074 'SIDE CHAIN' 
# 
loop_
_chem_comp_atom.comp_id 
_chem_comp_atom.atom_id 
_chem_comp_atom.type_symbol 
_chem_comp_atom.pdbx_aromatic_flag 
_chem_comp_atom.pdbx_stereo_config 
_chem_comp_atom.pdbx_ordinal 
DA  OP3    O  N N 1   
DA  P      P  N N 2   
DA  OP1    O  N N 3   
DA  OP2    O  N N 4   
DA  "O5'"  O  N N 5   
DA  "C5'"  C  N N 6   
DA  "C4'"  C  N R 7   
DA  "O4'"  O  N N 8   
DA  "C3'"  C  N S 9   
DA  "O3'"  O  N N 10  
DA  "C2'"  C  N N 11  
DA  "C1'"  C  N R 12  
DA  N9     N  Y N 13  
DA  C8     C  Y N 14  
DA  N7     N  Y N 15  
DA  C5     C  Y N 16  
DA  C6     C  Y N 17  
DA  N6     N  N N 18  
DA  N1     N  Y N 19  
DA  C2     C  Y N 20  
DA  N3     N  Y N 21  
DA  C4     C  Y N 22  
DA  HOP3   H  N N 23  
DA  HOP2   H  N N 24  
DA  "H5'"  H  N N 25  
DA  "H5''" H  N N 26  
DA  "H4'"  H  N N 27  
DA  "H3'"  H  N N 28  
DA  "HO3'" H  N N 29  
DA  "H2'"  H  N N 30  
DA  "H2''" H  N N 31  
DA  "H1'"  H  N N 32  
DA  H8     H  N N 33  
DA  H61    H  N N 34  
DA  H62    H  N N 35  
DA  H2     H  N N 36  
DC  OP3    O  N N 37  
DC  P      P  N N 38  
DC  OP1    O  N N 39  
DC  OP2    O  N N 40  
DC  "O5'"  O  N N 41  
DC  "C5'"  C  N N 42  
DC  "C4'"  C  N R 43  
DC  "O4'"  O  N N 44  
DC  "C3'"  C  N S 45  
DC  "O3'"  O  N N 46  
DC  "C2'"  C  N N 47  
DC  "C1'"  C  N R 48  
DC  N1     N  N N 49  
DC  C2     C  N N 50  
DC  O2     O  N N 51  
DC  N3     N  N N 52  
DC  C4     C  N N 53  
DC  N4     N  N N 54  
DC  C5     C  N N 55  
DC  C6     C  N N 56  
DC  HOP3   H  N N 57  
DC  HOP2   H  N N 58  
DC  "H5'"  H  N N 59  
DC  "H5''" H  N N 60  
DC  "H4'"  H  N N 61  
DC  "H3'"  H  N N 62  
DC  "HO3'" H  N N 63  
DC  "H2'"  H  N N 64  
DC  "H2''" H  N N 65  
DC  "H1'"  H  N N 66  
DC  H41    H  N N 67  
DC  H42    H  N N 68  
DC  H5     H  N N 69  
DC  H6     H  N N 70  
DG  OP3    O  N N 71  
DG  P      P  N N 72  
DG  OP1    O  N N 73  
DG  OP2    O  N N 74  
DG  "O5'"  O  N N 75  
DG  "C5'"  C  N N 76  
DG  "C4'"  C  N R 77  
DG  "O4'"  O  N N 78  
DG  "C3'"  C  N S 79  
DG  "O3'"  O  N N 80  
DG  "C2'"  C  N N 81  
DG  "C1'"  C  N R 82  
DG  N9     N  Y N 83  
DG  C8     C  Y N 84  
DG  N7     N  Y N 85  
DG  C5     C  Y N 86  
DG  C6     C  N N 87  
DG  O6     O  N N 88  
DG  N1     N  N N 89  
DG  C2     C  N N 90  
DG  N2     N  N N 91  
DG  N3     N  N N 92  
DG  C4     C  Y N 93  
DG  HOP3   H  N N 94  
DG  HOP2   H  N N 95  
DG  "H5'"  H  N N 96  
DG  "H5''" H  N N 97  
DG  "H4'"  H  N N 98  
DG  "H3'"  H  N N 99  
DG  "HO3'" H  N N 100 
DG  "H2'"  H  N N 101 
DG  "H2''" H  N N 102 
DG  "H1'"  H  N N 103 
DG  H8     H  N N 104 
DG  H1     H  N N 105 
DG  H21    H  N N 106 
DG  H22    H  N N 107 
DT  OP3    O  N N 108 
DT  P      P  N N 109 
DT  OP1    O  N N 110 
DT  OP2    O  N N 111 
DT  "O5'"  O  N N 112 
DT  "C5'"  C  N N 113 
DT  "C4'"  C  N R 114 
DT  "O4'"  O  N N 115 
DT  "C3'"  C  N S 116 
DT  "O3'"  O  N N 117 
DT  "C2'"  C  N N 118 
DT  "C1'"  C  N R 119 
DT  N1     N  N N 120 
DT  C2     C  N N 121 
DT  O2     O  N N 122 
DT  N3     N  N N 123 
DT  C4     C  N N 124 
DT  O4     O  N N 125 
DT  C5     C  N N 126 
DT  C7     C  N N 127 
DT  C6     C  N N 128 
DT  HOP3   H  N N 129 
DT  HOP2   H  N N 130 
DT  "H5'"  H  N N 131 
DT  "H5''" H  N N 132 
DT  "H4'"  H  N N 133 
DT  "H3'"  H  N N 134 
DT  "HO3'" H  N N 135 
DT  "H2'"  H  N N 136 
DT  "H2''" H  N N 137 
DT  "H1'"  H  N N 138 
DT  H3     H  N N 139 
DT  H71    H  N N 140 
DT  H72    H  N N 141 
DT  H73    H  N N 142 
DT  H6     H  N N 143 
EIT P      P  N N 144 
EIT OP3    O  N N 145 
EIT OP2    O  N N 146 
EIT "O5'"  O  N N 147 
EIT "C5'"  C  N N 148 
EIT "C4'"  C  N R 149 
EIT "O4'"  O  N N 150 
EIT "C1'"  C  N R 151 
EIT N1     N  N N 152 
EIT C6     C  N N 153 
EIT C2     C  N N 154 
EIT O2     O  N N 155 
EIT N3     N  N N 156 
EIT C4     C  N N 157 
EIT O4     O  N N 158 
EIT C5     C  N N 159 
EIT C5M    C  N N 160 
EIT "C2'"  C  N R 161 
EIT "O2'"  O  N N 162 
EIT "CB'"  C  N N 163 
EIT "CC'"  C  N N 164 
EIT "ND'"  N  Y N 165 
EIT "CE'"  C  Y N 166 
EIT "NF'"  N  Y N 167 
EIT "CG'"  C  Y N 168 
EIT "CH'"  C  Y N 169 
EIT "C3'"  C  N R 170 
EIT "O3'"  O  N N 171 
EIT OP1    O  N N 172 
EIT HOP3   H  N N 173 
EIT HOP2   H  N N 174 
EIT "H5'"  H  N N 175 
EIT "H5''" H  N N 176 
EIT "H4'"  H  N N 177 
EIT "H1'"  H  N N 178 
EIT H6     H  N N 179 
EIT HN3    H  N N 180 
EIT H71    H  N N 181 
EIT H72    H  N N 182 
EIT H73    H  N N 183 
EIT "H2'"  H  N N 184 
EIT "HB'1" H  N N 185 
EIT "HB'2" H  N N 186 
EIT "HC'1" H  N N 187 
EIT "HC'2" H  N N 188 
EIT "HE'"  H  N N 189 
EIT "HG'"  H  N N 190 
EIT "HH'"  H  N N 191 
EIT "H3'"  H  N N 192 
EIT "HO3'" H  N N 193 
HOH O      O  N N 194 
HOH H1     H  N N 195 
HOH H2     H  N N 196 
MG  MG     MG N N 197 
SPM N1     N  N N 198 
SPM C2     C  N N 199 
SPM C3     C  N N 200 
SPM C4     C  N N 201 
SPM N5     N  N N 202 
SPM C6     C  N N 203 
SPM C7     C  N N 204 
SPM C8     C  N N 205 
SPM C9     C  N N 206 
SPM N10    N  N N 207 
SPM C11    C  N N 208 
SPM C12    C  N N 209 
SPM C13    C  N N 210 
SPM N14    N  N N 211 
SPM HN11   H  N N 212 
SPM HN12   H  N N 213 
SPM H21    H  N N 214 
SPM H22    H  N N 215 
SPM H31    H  N N 216 
SPM H32    H  N N 217 
SPM H41    H  N N 218 
SPM H42    H  N N 219 
SPM HN5    H  N N 220 
SPM H61    H  N N 221 
SPM H62    H  N N 222 
SPM H71    H  N N 223 
SPM H72    H  N N 224 
SPM H81    H  N N 225 
SPM H82    H  N N 226 
SPM H91    H  N N 227 
SPM H92    H  N N 228 
SPM HN0    H  N N 229 
SPM H111   H  N N 230 
SPM H112   H  N N 231 
SPM H121   H  N N 232 
SPM H122   H  N N 233 
SPM H131   H  N N 234 
SPM H132   H  N N 235 
SPM HN41   H  N N 236 
SPM HN42   H  N N 237 
# 
loop_
_chem_comp_bond.comp_id 
_chem_comp_bond.atom_id_1 
_chem_comp_bond.atom_id_2 
_chem_comp_bond.value_order 
_chem_comp_bond.pdbx_aromatic_flag 
_chem_comp_bond.pdbx_stereo_config 
_chem_comp_bond.pdbx_ordinal 
DA  OP3   P      sing N N 1   
DA  OP3   HOP3   sing N N 2   
DA  P     OP1    doub N N 3   
DA  P     OP2    sing N N 4   
DA  P     "O5'"  sing N N 5   
DA  OP2   HOP2   sing N N 6   
DA  "O5'" "C5'"  sing N N 7   
DA  "C5'" "C4'"  sing N N 8   
DA  "C5'" "H5'"  sing N N 9   
DA  "C5'" "H5''" sing N N 10  
DA  "C4'" "O4'"  sing N N 11  
DA  "C4'" "C3'"  sing N N 12  
DA  "C4'" "H4'"  sing N N 13  
DA  "O4'" "C1'"  sing N N 14  
DA  "C3'" "O3'"  sing N N 15  
DA  "C3'" "C2'"  sing N N 16  
DA  "C3'" "H3'"  sing N N 17  
DA  "O3'" "HO3'" sing N N 18  
DA  "C2'" "C1'"  sing N N 19  
DA  "C2'" "H2'"  sing N N 20  
DA  "C2'" "H2''" sing N N 21  
DA  "C1'" N9     sing N N 22  
DA  "C1'" "H1'"  sing N N 23  
DA  N9    C8     sing Y N 24  
DA  N9    C4     sing Y N 25  
DA  C8    N7     doub Y N 26  
DA  C8    H8     sing N N 27  
DA  N7    C5     sing Y N 28  
DA  C5    C6     sing Y N 29  
DA  C5    C4     doub Y N 30  
DA  C6    N6     sing N N 31  
DA  C6    N1     doub Y N 32  
DA  N6    H61    sing N N 33  
DA  N6    H62    sing N N 34  
DA  N1    C2     sing Y N 35  
DA  C2    N3     doub Y N 36  
DA  C2    H2     sing N N 37  
DA  N3    C4     sing Y N 38  
DC  OP3   P      sing N N 39  
DC  OP3   HOP3   sing N N 40  
DC  P     OP1    doub N N 41  
DC  P     OP2    sing N N 42  
DC  P     "O5'"  sing N N 43  
DC  OP2   HOP2   sing N N 44  
DC  "O5'" "C5'"  sing N N 45  
DC  "C5'" "C4'"  sing N N 46  
DC  "C5'" "H5'"  sing N N 47  
DC  "C5'" "H5''" sing N N 48  
DC  "C4'" "O4'"  sing N N 49  
DC  "C4'" "C3'"  sing N N 50  
DC  "C4'" "H4'"  sing N N 51  
DC  "O4'" "C1'"  sing N N 52  
DC  "C3'" "O3'"  sing N N 53  
DC  "C3'" "C2'"  sing N N 54  
DC  "C3'" "H3'"  sing N N 55  
DC  "O3'" "HO3'" sing N N 56  
DC  "C2'" "C1'"  sing N N 57  
DC  "C2'" "H2'"  sing N N 58  
DC  "C2'" "H2''" sing N N 59  
DC  "C1'" N1     sing N N 60  
DC  "C1'" "H1'"  sing N N 61  
DC  N1    C2     sing N N 62  
DC  N1    C6     sing N N 63  
DC  C2    O2     doub N N 64  
DC  C2    N3     sing N N 65  
DC  N3    C4     doub N N 66  
DC  C4    N4     sing N N 67  
DC  C4    C5     sing N N 68  
DC  N4    H41    sing N N 69  
DC  N4    H42    sing N N 70  
DC  C5    C6     doub N N 71  
DC  C5    H5     sing N N 72  
DC  C6    H6     sing N N 73  
DG  OP3   P      sing N N 74  
DG  OP3   HOP3   sing N N 75  
DG  P     OP1    doub N N 76  
DG  P     OP2    sing N N 77  
DG  P     "O5'"  sing N N 78  
DG  OP2   HOP2   sing N N 79  
DG  "O5'" "C5'"  sing N N 80  
DG  "C5'" "C4'"  sing N N 81  
DG  "C5'" "H5'"  sing N N 82  
DG  "C5'" "H5''" sing N N 83  
DG  "C4'" "O4'"  sing N N 84  
DG  "C4'" "C3'"  sing N N 85  
DG  "C4'" "H4'"  sing N N 86  
DG  "O4'" "C1'"  sing N N 87  
DG  "C3'" "O3'"  sing N N 88  
DG  "C3'" "C2'"  sing N N 89  
DG  "C3'" "H3'"  sing N N 90  
DG  "O3'" "HO3'" sing N N 91  
DG  "C2'" "C1'"  sing N N 92  
DG  "C2'" "H2'"  sing N N 93  
DG  "C2'" "H2''" sing N N 94  
DG  "C1'" N9     sing N N 95  
DG  "C1'" "H1'"  sing N N 96  
DG  N9    C8     sing Y N 97  
DG  N9    C4     sing Y N 98  
DG  C8    N7     doub Y N 99  
DG  C8    H8     sing N N 100 
DG  N7    C5     sing Y N 101 
DG  C5    C6     sing N N 102 
DG  C5    C4     doub Y N 103 
DG  C6    O6     doub N N 104 
DG  C6    N1     sing N N 105 
DG  N1    C2     sing N N 106 
DG  N1    H1     sing N N 107 
DG  C2    N2     sing N N 108 
DG  C2    N3     doub N N 109 
DG  N2    H21    sing N N 110 
DG  N2    H22    sing N N 111 
DG  N3    C4     sing N N 112 
DT  OP3   P      sing N N 113 
DT  OP3   HOP3   sing N N 114 
DT  P     OP1    doub N N 115 
DT  P     OP2    sing N N 116 
DT  P     "O5'"  sing N N 117 
DT  OP2   HOP2   sing N N 118 
DT  "O5'" "C5'"  sing N N 119 
DT  "C5'" "C4'"  sing N N 120 
DT  "C5'" "H5'"  sing N N 121 
DT  "C5'" "H5''" sing N N 122 
DT  "C4'" "O4'"  sing N N 123 
DT  "C4'" "C3'"  sing N N 124 
DT  "C4'" "H4'"  sing N N 125 
DT  "O4'" "C1'"  sing N N 126 
DT  "C3'" "O3'"  sing N N 127 
DT  "C3'" "C2'"  sing N N 128 
DT  "C3'" "H3'"  sing N N 129 
DT  "O3'" "HO3'" sing N N 130 
DT  "C2'" "C1'"  sing N N 131 
DT  "C2'" "H2'"  sing N N 132 
DT  "C2'" "H2''" sing N N 133 
DT  "C1'" N1     sing N N 134 
DT  "C1'" "H1'"  sing N N 135 
DT  N1    C2     sing N N 136 
DT  N1    C6     sing N N 137 
DT  C2    O2     doub N N 138 
DT  C2    N3     sing N N 139 
DT  N3    C4     sing N N 140 
DT  N3    H3     sing N N 141 
DT  C4    O4     doub N N 142 
DT  C4    C5     sing N N 143 
DT  C5    C7     sing N N 144 
DT  C5    C6     doub N N 145 
DT  C7    H71    sing N N 146 
DT  C7    H72    sing N N 147 
DT  C7    H73    sing N N 148 
DT  C6    H6     sing N N 149 
EIT P     OP3    sing N N 150 
EIT P     OP2    sing N N 151 
EIT P     "O5'"  sing N N 152 
EIT P     OP1    doub N N 153 
EIT OP3   HOP3   sing N N 154 
EIT OP2   HOP2   sing N N 155 
EIT "O5'" "C5'"  sing N N 156 
EIT "C5'" "C4'"  sing N N 157 
EIT "C5'" "H5'"  sing N N 158 
EIT "C5'" "H5''" sing N N 159 
EIT "C4'" "O4'"  sing N N 160 
EIT "C4'" "C3'"  sing N N 161 
EIT "C4'" "H4'"  sing N N 162 
EIT "O4'" "C1'"  sing N N 163 
EIT "C1'" N1     sing N N 164 
EIT "C1'" "C2'"  sing N N 165 
EIT "C1'" "H1'"  sing N N 166 
EIT N1    C6     sing N N 167 
EIT N1    C2     sing N N 168 
EIT C6    C5     doub N N 169 
EIT C6    H6     sing N N 170 
EIT C2    O2     doub N N 171 
EIT C2    N3     sing N N 172 
EIT N3    C4     sing N N 173 
EIT N3    HN3    sing N N 174 
EIT C4    O4     doub N N 175 
EIT C4    C5     sing N N 176 
EIT C5    C5M    sing N N 177 
EIT C5M   H71    sing N N 178 
EIT C5M   H72    sing N N 179 
EIT C5M   H73    sing N N 180 
EIT "C2'" "O2'"  sing N N 181 
EIT "C2'" "C3'"  sing N N 182 
EIT "C2'" "H2'"  sing N N 183 
EIT "O2'" "CB'"  sing N N 184 
EIT "CB'" "CC'"  sing N N 185 
EIT "CB'" "HB'1" sing N N 186 
EIT "CB'" "HB'2" sing N N 187 
EIT "CC'" "ND'"  sing N N 188 
EIT "CC'" "HC'1" sing N N 189 
EIT "CC'" "HC'2" sing N N 190 
EIT "ND'" "CE'"  sing Y N 191 
EIT "ND'" "CH'"  sing Y N 192 
EIT "CE'" "NF'"  doub Y N 193 
EIT "CE'" "HE'"  sing N N 194 
EIT "NF'" "CG'"  sing Y N 195 
EIT "CG'" "CH'"  doub Y N 196 
EIT "CG'" "HG'"  sing N N 197 
EIT "CH'" "HH'"  sing N N 198 
EIT "C3'" "O3'"  sing N N 199 
EIT "C3'" "H3'"  sing N N 200 
EIT "O3'" "HO3'" sing N N 201 
HOH O     H1     sing N N 202 
HOH O     H2     sing N N 203 
SPM N1    C2     sing N N 204 
SPM N1    HN11   sing N N 205 
SPM N1    HN12   sing N N 206 
SPM C2    C3     sing N N 207 
SPM C2    H21    sing N N 208 
SPM C2    H22    sing N N 209 
SPM C3    C4     sing N N 210 
SPM C3    H31    sing N N 211 
SPM C3    H32    sing N N 212 
SPM C4    N5     sing N N 213 
SPM C4    H41    sing N N 214 
SPM C4    H42    sing N N 215 
SPM N5    C6     sing N N 216 
SPM N5    HN5    sing N N 217 
SPM C6    C7     sing N N 218 
SPM C6    H61    sing N N 219 
SPM C6    H62    sing N N 220 
SPM C7    C8     sing N N 221 
SPM C7    H71    sing N N 222 
SPM C7    H72    sing N N 223 
SPM C8    C9     sing N N 224 
SPM C8    H81    sing N N 225 
SPM C8    H82    sing N N 226 
SPM C9    N10    sing N N 227 
SPM C9    H91    sing N N 228 
SPM C9    H92    sing N N 229 
SPM N10   C11    sing N N 230 
SPM N10   HN0    sing N N 231 
SPM C11   C12    sing N N 232 
SPM C11   H111   sing N N 233 
SPM C11   H112   sing N N 234 
SPM C12   C13    sing N N 235 
SPM C12   H121   sing N N 236 
SPM C12   H122   sing N N 237 
SPM C13   N14    sing N N 238 
SPM C13   H131   sing N N 239 
SPM C13   H132   sing N N 240 
SPM N14   HN41   sing N N 241 
SPM N14   HN42   sing N N 242 
# 
_ndb_struct_conf_na.entry_id   1Y84 
_ndb_struct_conf_na.feature    'a-form double helix' 
# 
loop_
_ndb_struct_na_base_pair.model_number 
_ndb_struct_na_base_pair.i_label_asym_id 
_ndb_struct_na_base_pair.i_label_comp_id 
_ndb_struct_na_base_pair.i_label_seq_id 
_ndb_struct_na_base_pair.i_symmetry 
_ndb_struct_na_base_pair.j_label_asym_id 
_ndb_struct_na_base_pair.j_label_comp_id 
_ndb_struct_na_base_pair.j_label_seq_id 
_ndb_struct_na_base_pair.j_symmetry 
_ndb_struct_na_base_pair.shear 
_ndb_struct_na_base_pair.stretch 
_ndb_struct_na_base_pair.stagger 
_ndb_struct_na_base_pair.buckle 
_ndb_struct_na_base_pair.propeller 
_ndb_struct_na_base_pair.opening 
_ndb_struct_na_base_pair.pair_number 
_ndb_struct_na_base_pair.pair_name 
_ndb_struct_na_base_pair.i_auth_asym_id 
_ndb_struct_na_base_pair.i_auth_seq_id 
_ndb_struct_na_base_pair.i_PDB_ins_code 
_ndb_struct_na_base_pair.j_auth_asym_id 
_ndb_struct_na_base_pair.j_auth_seq_id 
_ndb_struct_na_base_pair.j_PDB_ins_code 
_ndb_struct_na_base_pair.hbond_type_28 
_ndb_struct_na_base_pair.hbond_type_12 
1 A DG  1  1_555 B DC  10 1_555 -0.216 -0.175 0.186  6.533  -7.066  -2.581 1  A_DG1:DC20_B  A 1  ? B 20 ? 19 1 
1 A DC  2  1_555 B DG  9  1_555 0.171  -0.087 -0.099 9.608  -16.579 2.643  2  A_DC2:DG19_B  A 2  ? B 19 ? 19 1 
1 A DG  3  1_555 B DC  8  1_555 -0.327 -0.113 -0.017 -9.503 -17.797 1.870  3  A_DG3:DC18_B  A 3  ? B 18 ? 19 1 
1 A DT  4  1_555 B DA  7  1_555 -0.097 -0.082 -0.061 -5.465 -17.904 1.847  4  A_DT4:DA17_B  A 4  ? B 17 ? 20 1 
1 A DA  5  1_555 B EIT 6  1_555 0.239  -0.035 0.199  -3.982 -14.142 -3.671 5  A_DA5:EIT16_B A 5  ? B 16 ? 20 1 
1 A EIT 6  1_555 B DA  5  1_555 -0.049 -0.094 0.164  2.282  -13.733 2.545  6  A_EIT6:DA15_B A 6  ? B 15 ? 20 1 
1 A DA  7  1_555 B DT  4  1_555 -0.103 -0.217 0.094  -2.335 -16.621 4.158  7  A_DA7:DT14_B  A 7  ? B 14 ? 20 1 
1 A DC  8  1_555 B DG  3  1_555 0.228  -0.190 0.058  1.770  -11.311 0.694  8  A_DC8:DG13_B  A 8  ? B 13 ? 19 1 
1 A DG  9  1_555 B DC  2  1_555 -0.147 -0.161 0.117  -4.018 -8.809  1.249  9  A_DG9:DC12_B  A 9  ? B 12 ? 19 1 
1 A DC  10 1_555 B DG  1  1_555 0.189  -0.135 -0.111 -7.331 5.043   -1.518 10 A_DC10:DG11_B A 10 ? B 11 ? 19 1 
# 
loop_
_ndb_struct_na_base_pair_step.model_number 
_ndb_struct_na_base_pair_step.i_label_asym_id_1 
_ndb_struct_na_base_pair_step.i_label_comp_id_1 
_ndb_struct_na_base_pair_step.i_label_seq_id_1 
_ndb_struct_na_base_pair_step.i_symmetry_1 
_ndb_struct_na_base_pair_step.j_label_asym_id_1 
_ndb_struct_na_base_pair_step.j_label_comp_id_1 
_ndb_struct_na_base_pair_step.j_label_seq_id_1 
_ndb_struct_na_base_pair_step.j_symmetry_1 
_ndb_struct_na_base_pair_step.i_label_asym_id_2 
_ndb_struct_na_base_pair_step.i_label_comp_id_2 
_ndb_struct_na_base_pair_step.i_label_seq_id_2 
_ndb_struct_na_base_pair_step.i_symmetry_2 
_ndb_struct_na_base_pair_step.j_label_asym_id_2 
_ndb_struct_na_base_pair_step.j_label_comp_id_2 
_ndb_struct_na_base_pair_step.j_label_seq_id_2 
_ndb_struct_na_base_pair_step.j_symmetry_2 
_ndb_struct_na_base_pair_step.shift 
_ndb_struct_na_base_pair_step.slide 
_ndb_struct_na_base_pair_step.rise 
_ndb_struct_na_base_pair_step.tilt 
_ndb_struct_na_base_pair_step.roll 
_ndb_struct_na_base_pair_step.twist 
_ndb_struct_na_base_pair_step.x_displacement 
_ndb_struct_na_base_pair_step.y_displacement 
_ndb_struct_na_base_pair_step.helical_rise 
_ndb_struct_na_base_pair_step.inclination 
_ndb_struct_na_base_pair_step.tip 
_ndb_struct_na_base_pair_step.helical_twist 
_ndb_struct_na_base_pair_step.step_number 
_ndb_struct_na_base_pair_step.step_name 
_ndb_struct_na_base_pair_step.i_auth_asym_id_1 
_ndb_struct_na_base_pair_step.i_auth_seq_id_1 
_ndb_struct_na_base_pair_step.i_PDB_ins_code_1 
_ndb_struct_na_base_pair_step.j_auth_asym_id_1 
_ndb_struct_na_base_pair_step.j_auth_seq_id_1 
_ndb_struct_na_base_pair_step.j_PDB_ins_code_1 
_ndb_struct_na_base_pair_step.i_auth_asym_id_2 
_ndb_struct_na_base_pair_step.i_auth_seq_id_2 
_ndb_struct_na_base_pair_step.i_PDB_ins_code_2 
_ndb_struct_na_base_pair_step.j_auth_asym_id_2 
_ndb_struct_na_base_pair_step.j_auth_seq_id_2 
_ndb_struct_na_base_pair_step.j_PDB_ins_code_2 
1 A DG  1 1_555 B DC  10 1_555 A DC  2  1_555 B DG  9 1_555 0.713  -1.726 3.184 2.796  1.541  37.972 -2.834 -0.749 3.157 2.364  
-4.287 38.101 1 AA_DG1DC2:DG19DC20_BB   A 1 ? B 20 ? A 2  ? B 19 ? 
1 A DC  2 1_555 B DG  9  1_555 A DG  3  1_555 B DC  8 1_555 -0.167 -2.089 3.571 -1.004 14.926 26.656 -6.746 0.130  2.132 29.597 
1.991  30.501 2 AA_DC2DG3:DC18DG19_BB   A 2 ? B 19 ? A 3  ? B 18 ? 
1 A DG  3 1_555 B DC  8  1_555 A DT  4  1_555 B DA  7 1_555 -0.879 -1.432 3.020 -1.059 7.076  37.182 -3.016 1.235  2.735 10.972 
1.641  37.840 3 AA_DG3DT4:DA17DC18_BB   A 3 ? B 18 ? A 4  ? B 17 ? 
1 A DT  4 1_555 B DA  7  1_555 A DA  5  1_555 B EIT 6 1_555 0.762  -1.408 3.128 1.734  17.995 25.917 -5.401 -1.132 1.834 35.189 
-3.392 31.511 4 AA_DT4DA5:EIT16DA17_BB  A 4 ? B 17 ? A 5  ? B 16 ? 
1 A DA  5 1_555 B EIT 6  1_555 A EIT 6  1_555 B DA  5 1_555 0.597  -1.454 3.177 1.539  3.570  30.572 -3.398 -0.839 3.018 6.736  
-2.903 30.812 5 AA_DA5EIT6:DA15EIT16_BB A 5 ? B 16 ? A 6  ? B 15 ? 
1 A EIT 6 1_555 B DA  5  1_555 A DA  7  1_555 B DT  4 1_555 0.361  -1.353 3.193 1.980  13.060 31.568 -4.170 -0.331 2.473 22.798 
-3.456 34.155 6 AA_EIT6DA7:DT14DA15_BB  A 6 ? B 15 ? A 7  ? B 14 ? 
1 A DA  7 1_555 B DT  4  1_555 A DC  8  1_555 B DG  3 1_555 0.423  -1.977 3.224 1.819  2.460  32.303 -3.956 -0.447 3.087 4.408  
-3.261 32.444 7 AA_DA7DC8:DG13DT14_BB   A 7 ? B 14 ? A 8  ? B 13 ? 
1 A DC  8 1_555 B DG  3  1_555 A DG  9  1_555 B DC  2 1_555 -0.304 -2.099 3.303 1.172  11.679 23.230 -7.432 0.954  2.014 26.911 
-2.702 25.991 8 AA_DC8DG9:DC12DG13_BB   A 8 ? B 13 ? A 9  ? B 12 ? 
1 A DG  9 1_555 B DC  2  1_555 A DC  10 1_555 B DG  1 1_555 -0.044 -1.234 3.653 5.107  -4.813 35.789 -1.211 0.879  3.740 -7.740 
-8.213 36.449 9 AA_DG9DC10:DG11DC12_BB  A 9 ? B 12 ? A 10 ? B 11 ? 
# 
loop_
_pdbx_entity_nonpoly.entity_id 
_pdbx_entity_nonpoly.name 
_pdbx_entity_nonpoly.comp_id 
2 'MAGNESIUM ION' MG  
3 SPERMINE        SPM 
4 water           HOH 
# 
_pdbx_initial_refinement_model.id               1 
_pdbx_initial_refinement_model.entity_id_list   ? 
_pdbx_initial_refinement_model.type             'experimental model' 
_pdbx_initial_refinement_model.source_name      PDB 
_pdbx_initial_refinement_model.accession_code   410D 
_pdbx_initial_refinement_model.details          'PDB entry 410D' 
# 
